data_7PHP
#
_entry.id   7PHP
#
_cell.length_a   1.00
_cell.length_b   1.00
_cell.length_c   1.00
_cell.angle_alpha   90.00
_cell.angle_beta   90.00
_cell.angle_gamma   90.00
#
_symmetry.space_group_name_H-M   'P 1'
#
loop_
_entity.id
_entity.type
_entity.pdbx_description
1 polymer 'Multidrug resistance protein NorM'
2 polymer 'NabFab HC'
3 polymer 'NabFab LC'
4 polymer NorM-Nb17_4
5 polymer 'Anti-Fab nanobody'
6 water water
#
loop_
_entity_poly.entity_id
_entity_poly.type
_entity_poly.pdbx_seq_one_letter_code
_entity_poly.pdbx_strand_id
1 'polypeptide(L)'
;MGHHHHHHHHHHSSGLEVLFQGPSGTSVHRYKKEASNLIKLATPVLIASVAQTGMGFVDTIMAGGVSAIDMAAVSIAASI
WLPSILFGVGLLMALVPVVAQLNGAGRQHKIPFEVHQGLILALLVSIPIIAVLFQTQFIIRFMDVEEAMATKTVGYMHAV
IFAVPAYLLFQALRSFTDGMSLTKPAMVIGFIGLLLNIPLNWIFVYGKFGAPELGGVGCGVATAIVYWIMLLLLLFYIVT
SKRLAHVKVFETFHKPQPKELIRLFRLGFPVAAALFFEVTLFAVVALLVAPLGSTVVAAHQVALNFSSLVFMFPMSIGAA
VSIRVGHKLGEQDTKGAAIAANVGLMTGLATACITALLTVLFREQIALLYTENQVVVALAMQLLLFAAIYQCMDAVQVVA
AGSLRGYKDMTAIFHRTFISYWVLGLPTGYILGMTNWLTEQPLGAKGFWLGFIIGLSAAALMLGQRLYWLQKQSDDVQLH
LAAK
;
A
2 'polypeptide(L)'
;EISEVQLVESGGGLVQPGGSLRLSCAASGFNFSYYSIHWVRQAPGKGLEWVAYISSSSSYTSYADSVKGRFTISADTSKN
TAYLQMNSLRAEDTAVYYCARGYQYWQYHASWYWNGGLDYWGQGTLVTVSSASTKGPSVFPLAPSSKSTSGGTAALGCLV
KDYFPEPVTVSWNSGALTSGVHTFPAVLQSSGLYSLSSVVTVPSSSLGTQTYICNVNHKPSNTKVDKKVEPKSCDKTHT
;
H
3 'polypeptide(L)'
;SDIQMTQSPSSLSASVGDRVTITCRASQSVSSAVAWYQQKPGKAPKLLIYSASSLYSGVPSRFSGSRSGTDFTLTISSLQ
PEDFATYYCQQSSSSLITFGQGTKVEIKRTVAAPSVFIFPPSDSQLKSGTASVVCLLNNFYPREAKVQWKVDNALQSGNS
QESVTEQDSKDSTYSLSSTLTLSKADYEKHKVYACEVTHQGLSSPVTKSFNRGEC
;
L
4 'polypeptide(L)'
;QRQLVESGGGLVQPGGSLRLSCAASGIIFKINDMGWFRQAPGKEREGVAGITSGGRTNYADSVKGRFIISRDNVKNTVYL
QMNSLEPEDTAVYYCKSDGLISYAASQLSTYWGKGTPVTVSSHHHHHHEPEA
;
N
5 'polypeptide(L)'
;GSQVQLQESGGGLVQPGGSLRLSCAASGRTISRYAMSWFRQAPGKEREFVAVARRSGDGAFYADSVQGRFTVSRDDAKNT
VYLQMNSLKPEDTAVYYCAIDSDTFYSGSYDYWGQGTQVTVSS
;
K
#
# COMPACT_ATOMS: atom_id res chain seq x y z
N SER A 27 -41.27 59.18 -27.38
CA SER A 27 -39.88 59.58 -27.51
C SER A 27 -38.97 58.74 -26.62
N VAL A 28 -37.88 59.35 -26.14
CA VAL A 28 -36.90 58.65 -25.32
C VAL A 28 -36.57 59.48 -24.10
N HIS A 29 -37.05 60.73 -24.06
CA HIS A 29 -36.86 61.58 -22.89
C HIS A 29 -37.84 61.23 -21.77
N ARG A 30 -38.80 60.35 -22.03
CA ARG A 30 -39.73 59.90 -21.01
C ARG A 30 -39.25 58.60 -20.37
N TYR A 31 -38.63 57.73 -21.15
CA TYR A 31 -38.11 56.48 -20.59
C TYR A 31 -36.83 56.72 -19.79
N LYS A 32 -35.93 57.54 -20.31
CA LYS A 32 -34.59 57.66 -19.73
C LYS A 32 -34.66 58.12 -18.27
N LYS A 33 -35.59 59.01 -17.96
CA LYS A 33 -35.73 59.49 -16.59
C LYS A 33 -35.92 58.32 -15.64
N GLU A 34 -36.81 57.38 -16.01
CA GLU A 34 -36.99 56.20 -15.18
C GLU A 34 -35.70 55.41 -15.06
N ALA A 35 -34.98 55.23 -16.17
CA ALA A 35 -33.71 54.52 -16.13
C ALA A 35 -32.64 55.28 -15.36
N SER A 36 -32.89 56.55 -15.02
CA SER A 36 -32.00 57.24 -14.11
C SER A 36 -32.40 56.98 -12.66
N ASN A 37 -33.70 56.85 -12.38
CA ASN A 37 -34.14 56.54 -11.04
C ASN A 37 -33.70 55.14 -10.63
N LEU A 38 -33.98 54.16 -11.49
CA LEU A 38 -33.74 52.76 -11.17
C LEU A 38 -32.30 52.52 -10.76
N ILE A 39 -31.35 52.99 -11.58
CA ILE A 39 -29.93 52.82 -11.26
C ILE A 39 -29.62 53.49 -9.93
N LYS A 40 -30.13 54.71 -9.72
CA LYS A 40 -29.89 55.40 -8.45
C LYS A 40 -30.41 54.61 -7.26
N LEU A 41 -31.45 53.79 -7.46
CA LEU A 41 -31.90 52.88 -6.42
C LEU A 41 -31.12 51.59 -6.39
N ALA A 42 -30.73 51.07 -7.55
CA ALA A 42 -30.14 49.74 -7.61
C ALA A 42 -28.70 49.73 -7.14
N THR A 43 -27.94 50.79 -7.42
CA THR A 43 -26.51 50.77 -7.13
C THR A 43 -26.20 50.59 -5.65
N PRO A 44 -26.78 51.35 -4.71
CA PRO A 44 -26.39 51.14 -3.30
C PRO A 44 -26.65 49.73 -2.80
N VAL A 45 -27.77 49.12 -3.20
CA VAL A 45 -28.11 47.78 -2.73
C VAL A 45 -26.96 46.83 -3.02
N LEU A 46 -26.38 46.95 -4.21
CA LEU A 46 -25.26 46.09 -4.59
C LEU A 46 -24.14 46.13 -3.56
N ILE A 47 -23.73 47.34 -3.15
CA ILE A 47 -22.67 47.43 -2.16
C ILE A 47 -23.11 46.81 -0.84
N ALA A 48 -24.38 46.95 -0.50
CA ALA A 48 -24.89 46.32 0.71
C ALA A 48 -25.04 44.82 0.58
N SER A 49 -24.92 44.27 -0.62
CA SER A 49 -25.03 42.84 -0.84
C SER A 49 -23.69 42.18 -1.13
N VAL A 50 -22.72 42.93 -1.66
CA VAL A 50 -21.37 42.41 -1.82
C VAL A 50 -20.68 42.28 -0.47
N ALA A 51 -20.87 43.27 0.41
CA ALA A 51 -20.28 43.22 1.74
C ALA A 51 -21.01 42.26 2.66
N GLN A 52 -21.88 41.40 2.15
CA GLN A 52 -22.53 40.38 2.94
C GLN A 52 -21.83 39.04 2.82
N THR A 53 -21.35 38.69 1.62
CA THR A 53 -20.50 37.52 1.47
C THR A 53 -19.07 37.80 1.90
N GLY A 54 -18.70 39.08 2.01
CA GLY A 54 -17.40 39.42 2.55
C GLY A 54 -17.20 38.92 3.96
N MET A 55 -18.27 38.83 4.75
CA MET A 55 -18.15 38.32 6.10
C MET A 55 -17.75 36.85 6.09
N GLY A 56 -18.45 36.03 5.30
CA GLY A 56 -18.07 34.63 5.19
C GLY A 56 -16.68 34.44 4.62
N PHE A 57 -16.33 35.21 3.59
CA PHE A 57 -15.00 35.07 2.99
C PHE A 57 -13.90 35.45 3.98
N VAL A 58 -14.08 36.55 4.71
CA VAL A 58 -13.07 36.98 5.67
C VAL A 58 -12.95 35.96 6.80
N ASP A 59 -14.07 35.42 7.26
CA ASP A 59 -14.00 34.40 8.30
C ASP A 59 -13.21 33.18 7.83
N THR A 60 -13.49 32.70 6.62
CA THR A 60 -12.79 31.53 6.12
C THR A 60 -11.31 31.80 5.92
N ILE A 61 -10.96 32.97 5.38
CA ILE A 61 -9.55 33.27 5.14
C ILE A 61 -8.78 33.42 6.44
N MET A 62 -9.33 34.14 7.41
CA MET A 62 -8.62 34.32 8.68
C MET A 62 -8.60 33.03 9.50
N ALA A 63 -9.52 32.10 9.22
CA ALA A 63 -9.49 30.83 9.92
C ALA A 63 -8.55 29.82 9.29
N GLY A 64 -7.87 30.18 8.19
CA GLY A 64 -6.88 29.34 7.56
C GLY A 64 -5.46 29.74 7.83
N GLY A 65 -5.25 30.80 8.60
CA GLY A 65 -3.92 31.22 9.01
C GLY A 65 -3.55 30.64 10.35
N VAL A 66 -4.32 29.67 10.81
CA VAL A 66 -3.97 28.92 12.02
C VAL A 66 -3.93 27.42 11.80
N SER A 67 -4.55 26.89 10.75
CA SER A 67 -4.48 25.48 10.39
C SER A 67 -5.12 25.32 9.02
N ALA A 68 -5.16 24.09 8.55
CA ALA A 68 -6.10 23.68 7.51
C ALA A 68 -7.20 22.80 8.06
N ILE A 69 -7.20 22.54 9.37
CA ILE A 69 -8.30 21.90 10.04
C ILE A 69 -9.39 22.91 10.39
N ASP A 70 -8.99 24.11 10.83
CA ASP A 70 -9.95 25.16 11.12
C ASP A 70 -10.59 25.70 9.85
N MET A 71 -9.79 25.92 8.80
CA MET A 71 -10.34 26.49 7.57
C MET A 71 -11.33 25.54 6.93
N ALA A 72 -11.17 24.24 7.13
CA ALA A 72 -12.16 23.29 6.65
C ALA A 72 -13.25 23.02 7.66
N ALA A 73 -13.11 23.51 8.89
CA ALA A 73 -14.14 23.33 9.90
C ALA A 73 -15.14 24.49 9.91
N VAL A 74 -14.68 25.71 9.67
CA VAL A 74 -15.59 26.84 9.55
C VAL A 74 -16.08 27.01 8.11
N SER A 75 -15.70 26.12 7.20
CA SER A 75 -16.24 26.18 5.85
C SER A 75 -17.39 25.20 5.68
N ILE A 76 -17.38 24.11 6.45
CA ILE A 76 -18.56 23.24 6.50
C ILE A 76 -19.68 23.92 7.26
N ALA A 77 -19.36 24.64 8.35
CA ALA A 77 -20.39 25.25 9.17
C ALA A 77 -21.00 26.47 8.51
N ALA A 78 -20.31 27.03 7.51
CA ALA A 78 -20.89 28.10 6.71
C ALA A 78 -21.69 27.56 5.53
N SER A 79 -21.81 26.23 5.40
CA SER A 79 -22.63 25.64 4.36
C SER A 79 -23.99 25.19 4.86
N ILE A 80 -24.20 25.17 6.17
CA ILE A 80 -25.49 24.83 6.75
C ILE A 80 -26.13 26.11 7.26
N TRP A 81 -25.29 27.10 7.58
CA TRP A 81 -25.77 28.38 8.08
C TRP A 81 -26.43 29.20 6.98
N LEU A 82 -25.78 29.29 5.81
CA LEU A 82 -26.28 30.21 4.78
C LEU A 82 -27.64 29.82 4.23
N PRO A 83 -27.89 28.59 3.75
CA PRO A 83 -29.25 28.27 3.29
C PRO A 83 -30.30 28.37 4.38
N SER A 84 -29.95 28.02 5.62
CA SER A 84 -30.91 28.12 6.71
C SER A 84 -31.32 29.56 6.96
N ILE A 85 -30.37 30.49 6.84
CA ILE A 85 -30.76 31.88 7.06
C ILE A 85 -31.43 32.47 5.82
N LEU A 86 -31.11 31.96 4.63
CA LEU A 86 -31.79 32.45 3.43
C LEU A 86 -33.26 32.04 3.40
N PHE A 87 -33.58 30.85 3.87
CA PHE A 87 -34.98 30.46 3.96
C PHE A 87 -35.73 31.40 4.90
N GLY A 88 -35.11 31.77 6.03
CA GLY A 88 -35.76 32.69 6.95
C GLY A 88 -35.92 34.08 6.36
N VAL A 89 -34.91 34.56 5.64
CA VAL A 89 -35.01 35.88 5.02
C VAL A 89 -36.07 35.89 3.93
N GLY A 90 -36.26 34.78 3.23
CA GLY A 90 -37.24 34.74 2.16
C GLY A 90 -38.65 35.05 2.60
N LEU A 91 -38.96 34.82 3.88
CA LEU A 91 -40.29 35.12 4.39
C LEU A 91 -40.47 36.58 4.73
N LEU A 92 -39.39 37.35 4.86
CA LEU A 92 -39.46 38.77 5.18
C LEU A 92 -39.21 39.65 3.96
N MET A 93 -39.20 39.08 2.77
CA MET A 93 -39.07 39.84 1.53
C MET A 93 -40.41 40.19 0.92
N ALA A 94 -41.51 39.73 1.53
CA ALA A 94 -42.85 40.11 1.11
C ALA A 94 -43.32 41.41 1.74
N LEU A 95 -42.50 42.03 2.58
CA LEU A 95 -42.87 43.29 3.21
C LEU A 95 -42.53 44.49 2.33
N VAL A 96 -41.63 44.30 1.36
CA VAL A 96 -41.22 45.42 0.52
C VAL A 96 -42.37 45.96 -0.32
N PRO A 97 -43.13 45.15 -1.07
CA PRO A 97 -44.26 45.73 -1.81
C PRO A 97 -45.34 46.28 -0.89
N VAL A 98 -45.59 45.62 0.24
CA VAL A 98 -46.64 46.07 1.16
C VAL A 98 -46.34 47.46 1.68
N VAL A 99 -45.10 47.69 2.12
CA VAL A 99 -44.74 49.04 2.56
C VAL A 99 -44.63 50.03 1.42
N ALA A 100 -44.03 49.65 0.29
CA ALA A 100 -43.83 50.63 -0.78
C ALA A 100 -45.15 51.06 -1.41
N GLN A 101 -46.17 50.21 -1.40
CA GLN A 101 -47.44 50.61 -2.00
C GLN A 101 -48.17 51.62 -1.12
N LEU A 102 -48.11 51.45 0.20
CA LEU A 102 -48.74 52.42 1.09
C LEU A 102 -48.10 53.79 0.95
N ASN A 103 -46.78 53.85 0.79
CA ASN A 103 -46.12 55.13 0.60
C ASN A 103 -46.59 55.80 -0.68
N GLY A 104 -46.75 55.03 -1.76
CA GLY A 104 -47.22 55.62 -3.00
C GLY A 104 -48.64 56.13 -2.91
N ALA A 105 -49.52 55.37 -2.26
CA ALA A 105 -50.91 55.79 -2.12
C ALA A 105 -51.06 57.02 -1.24
N GLY A 106 -50.02 57.40 -0.51
CA GLY A 106 -50.06 58.58 0.30
C GLY A 106 -50.70 58.42 1.66
N ARG A 107 -51.09 57.20 2.03
CA ARG A 107 -51.73 57.01 3.33
C ARG A 107 -50.72 57.16 4.45
N GLN A 108 -49.76 56.24 4.48
CA GLN A 108 -48.58 56.26 5.34
C GLN A 108 -48.90 56.06 6.82
N HIS A 109 -50.15 56.24 7.22
CA HIS A 109 -50.48 56.10 8.63
C HIS A 109 -50.85 54.67 8.99
N LYS A 110 -50.96 53.80 8.00
CA LYS A 110 -50.93 52.37 8.24
C LYS A 110 -49.50 51.83 8.20
N ILE A 111 -48.52 52.67 7.83
CA ILE A 111 -47.13 52.18 7.76
C ILE A 111 -46.61 51.71 9.11
N PRO A 112 -46.78 52.44 10.21
CA PRO A 112 -46.29 51.92 11.50
C PRO A 112 -46.97 50.64 11.93
N PHE A 113 -48.17 50.33 11.46
CA PHE A 113 -48.85 49.12 11.91
C PHE A 113 -48.27 47.86 11.28
N GLU A 114 -47.88 47.91 10.01
CA GLU A 114 -47.37 46.73 9.35
C GLU A 114 -45.99 46.36 9.88
N VAL A 115 -45.15 47.37 10.13
CA VAL A 115 -43.81 47.12 10.65
C VAL A 115 -43.88 46.37 11.96
N HIS A 116 -44.73 46.85 12.87
CA HIS A 116 -44.86 46.20 14.17
C HIS A 116 -45.35 44.77 14.04
N GLN A 117 -45.92 44.41 12.89
CA GLN A 117 -46.27 43.03 12.64
C GLN A 117 -45.08 42.26 12.10
N GLY A 118 -44.31 42.88 11.19
CA GLY A 118 -43.18 42.18 10.60
C GLY A 118 -42.19 41.69 11.65
N LEU A 119 -41.86 42.53 12.62
CA LEU A 119 -40.99 42.11 13.70
C LEU A 119 -41.57 40.91 14.43
N ILE A 120 -42.87 40.94 14.74
CA ILE A 120 -43.51 39.82 15.43
C ILE A 120 -43.37 38.55 14.59
N LEU A 121 -43.33 38.70 13.28
CA LEU A 121 -43.10 37.54 12.42
C LEU A 121 -41.64 37.11 12.46
N ALA A 122 -40.71 38.07 12.43
CA ALA A 122 -39.29 37.74 12.33
C ALA A 122 -38.86 36.85 13.49
N LEU A 123 -39.12 37.30 14.71
CA LEU A 123 -38.80 36.48 15.88
C LEU A 123 -39.38 35.07 15.74
N LEU A 124 -40.64 34.98 15.28
CA LEU A 124 -41.26 33.68 15.18
C LEU A 124 -40.52 32.80 14.18
N VAL A 125 -40.08 33.36 13.05
CA VAL A 125 -39.39 32.52 12.07
C VAL A 125 -37.96 32.25 12.50
N SER A 126 -37.53 32.77 13.65
CA SER A 126 -36.28 32.31 14.24
C SER A 126 -36.48 31.14 15.17
N ILE A 127 -37.72 30.76 15.46
CA ILE A 127 -38.01 29.59 16.28
C ILE A 127 -37.57 28.30 15.59
N PRO A 128 -37.93 28.05 14.32
CA PRO A 128 -37.50 26.78 13.72
C PRO A 128 -36.01 26.73 13.41
N ILE A 129 -35.44 27.82 12.93
CA ILE A 129 -34.04 27.82 12.51
C ILE A 129 -33.14 27.41 13.67
N ILE A 130 -33.30 28.07 14.82
CA ILE A 130 -32.49 27.73 15.99
C ILE A 130 -32.67 26.27 16.36
N ALA A 131 -33.86 25.70 16.12
CA ALA A 131 -34.03 24.28 16.34
C ALA A 131 -33.13 23.47 15.41
N VAL A 132 -33.21 23.74 14.10
CA VAL A 132 -32.53 22.90 13.13
C VAL A 132 -31.03 22.95 13.33
N LEU A 133 -30.50 24.11 13.71
CA LEU A 133 -29.06 24.22 13.91
C LEU A 133 -28.60 23.37 15.10
N PHE A 134 -29.42 23.24 16.14
CA PHE A 134 -29.09 22.30 17.21
C PHE A 134 -28.98 20.86 16.72
N GLN A 135 -29.59 20.54 15.58
CA GLN A 135 -29.47 19.21 14.98
C GLN A 135 -28.24 19.14 14.07
N THR A 136 -27.25 20.00 14.29
CA THR A 136 -26.07 19.98 13.42
C THR A 136 -25.28 18.68 13.57
N GLN A 137 -25.13 18.16 14.79
CA GLN A 137 -24.30 16.98 15.00
C GLN A 137 -24.79 15.81 14.18
N PHE A 138 -26.10 15.55 14.24
CA PHE A 138 -26.66 14.41 13.51
C PHE A 138 -26.45 14.54 12.02
N ILE A 139 -26.12 15.73 11.53
CA ILE A 139 -25.85 15.91 10.10
C ILE A 139 -24.40 15.57 9.78
N ILE A 140 -23.46 16.03 10.61
CA ILE A 140 -22.06 15.86 10.27
C ILE A 140 -21.65 14.39 10.37
N ARG A 141 -22.18 13.66 11.35
CA ARG A 141 -21.94 12.22 11.41
C ARG A 141 -22.60 11.49 10.25
N PHE A 142 -23.52 12.15 9.54
CA PHE A 142 -24.08 11.61 8.31
C PHE A 142 -23.22 11.92 7.10
N MET A 143 -22.15 12.70 7.28
CA MET A 143 -21.29 13.13 6.18
C MET A 143 -19.91 12.50 6.23
N ASP A 144 -19.65 11.62 7.19
CA ASP A 144 -18.36 10.95 7.36
C ASP A 144 -17.25 11.98 7.60
N VAL A 145 -17.36 12.67 8.73
CA VAL A 145 -16.41 13.68 9.16
C VAL A 145 -15.74 13.23 10.45
N GLU A 146 -14.42 13.34 10.48
CA GLU A 146 -13.65 12.97 11.65
C GLU A 146 -13.93 13.90 12.82
N GLU A 147 -13.63 13.44 14.03
CA GLU A 147 -14.01 14.18 15.23
C GLU A 147 -13.13 15.41 15.44
N ALA A 148 -11.88 15.37 14.96
CA ALA A 148 -10.94 16.45 15.23
C ALA A 148 -11.42 17.79 14.68
N MET A 149 -12.22 17.78 13.62
CA MET A 149 -12.82 19.00 13.13
C MET A 149 -14.32 19.07 13.41
N ALA A 150 -14.95 17.96 13.75
CA ALA A 150 -16.35 18.01 14.19
C ALA A 150 -16.47 18.81 15.47
N THR A 151 -15.53 18.62 16.40
CA THR A 151 -15.56 19.39 17.64
C THR A 151 -15.32 20.87 17.43
N LYS A 152 -14.87 21.27 16.24
CA LYS A 152 -14.73 22.69 15.92
C LYS A 152 -15.93 23.22 15.16
N THR A 153 -16.47 22.44 14.23
CA THR A 153 -17.66 22.85 13.50
C THR A 153 -18.84 23.06 14.45
N VAL A 154 -19.02 22.14 15.40
CA VAL A 154 -20.12 22.29 16.35
C VAL A 154 -19.94 23.53 17.20
N GLY A 155 -18.70 23.80 17.62
CA GLY A 155 -18.45 25.01 18.39
C GLY A 155 -18.74 26.27 17.62
N TYR A 156 -18.36 26.31 16.34
CA TYR A 156 -18.67 27.47 15.51
C TYR A 156 -20.17 27.66 15.36
N MET A 157 -20.91 26.57 15.14
CA MET A 157 -22.35 26.71 14.96
C MET A 157 -23.03 27.17 16.25
N HIS A 158 -22.60 26.62 17.39
CA HIS A 158 -23.15 27.08 18.66
C HIS A 158 -22.80 28.52 18.95
N ALA A 159 -21.67 29.01 18.44
CA ALA A 159 -21.36 30.42 18.60
C ALA A 159 -22.20 31.31 17.71
N VAL A 160 -22.52 30.85 16.49
CA VAL A 160 -23.22 31.72 15.54
C VAL A 160 -24.73 31.66 15.69
N ILE A 161 -25.27 30.66 16.40
CA ILE A 161 -26.72 30.64 16.64
C ILE A 161 -27.18 31.89 17.41
N PHE A 162 -26.29 32.53 18.16
CA PHE A 162 -26.69 33.72 18.89
C PHE A 162 -26.91 34.94 17.99
N ALA A 163 -26.93 34.78 16.67
CA ALA A 163 -27.07 35.93 15.76
C ALA A 163 -28.34 35.91 14.94
N VAL A 164 -29.05 34.79 14.85
CA VAL A 164 -30.31 34.76 14.08
C VAL A 164 -31.42 35.58 14.71
N PRO A 165 -31.43 35.88 16.01
CA PRO A 165 -32.40 36.89 16.48
C PRO A 165 -32.06 38.30 16.04
N ALA A 166 -30.78 38.61 15.83
CA ALA A 166 -30.39 39.97 15.48
C ALA A 166 -30.03 40.12 14.01
N TYR A 167 -30.16 39.06 13.22
CA TYR A 167 -30.01 39.21 11.78
C TYR A 167 -31.34 39.36 11.09
N LEU A 168 -32.35 38.60 11.53
CA LEU A 168 -33.66 38.68 10.90
C LEU A 168 -34.35 40.01 11.23
N LEU A 169 -34.18 40.51 12.46
CA LEU A 169 -34.72 41.82 12.78
C LEU A 169 -34.06 42.90 11.95
N PHE A 170 -32.75 42.81 11.76
CA PHE A 170 -32.06 43.79 10.92
C PHE A 170 -32.57 43.70 9.48
N GLN A 171 -32.88 42.49 9.01
CA GLN A 171 -33.46 42.37 7.67
C GLN A 171 -34.84 43.01 7.60
N ALA A 172 -35.65 42.87 8.64
CA ALA A 172 -36.97 43.51 8.63
C ALA A 172 -36.83 45.03 8.59
N LEU A 173 -35.95 45.59 9.41
CA LEU A 173 -35.75 47.03 9.40
C LEU A 173 -35.20 47.51 8.05
N ARG A 174 -34.26 46.76 7.47
CA ARG A 174 -33.72 47.15 6.18
C ARG A 174 -34.78 47.06 5.09
N SER A 175 -35.65 46.06 5.17
CA SER A 175 -36.75 45.94 4.22
C SER A 175 -37.71 47.11 4.33
N PHE A 176 -38.00 47.56 5.55
CA PHE A 176 -38.72 48.82 5.73
C PHE A 176 -38.04 49.99 5.04
N THR A 177 -36.77 50.22 5.36
CA THR A 177 -36.14 51.42 4.82
C THR A 177 -36.06 51.37 3.30
N ASP A 178 -35.83 50.18 2.74
CA ASP A 178 -35.91 50.03 1.29
C ASP A 178 -37.31 50.31 0.76
N GLY A 179 -38.35 49.82 1.46
CA GLY A 179 -39.70 50.08 1.01
C GLY A 179 -40.05 51.55 1.02
N MET A 180 -39.37 52.33 1.86
CA MET A 180 -39.54 53.78 1.86
C MET A 180 -38.73 54.47 0.78
N SER A 181 -38.31 53.73 -0.25
CA SER A 181 -37.54 54.25 -1.38
C SER A 181 -36.24 54.91 -0.96
N LEU A 182 -35.76 54.58 0.24
CA LEU A 182 -34.54 55.14 0.80
C LEU A 182 -33.58 53.97 1.03
N THR A 183 -32.43 54.00 0.36
CA THR A 183 -31.56 52.84 0.34
C THR A 183 -30.21 53.07 1.01
N LYS A 184 -29.78 54.33 1.14
CA LYS A 184 -28.45 54.63 1.67
C LYS A 184 -28.13 54.00 3.02
N PRO A 185 -29.00 54.02 4.04
CA PRO A 185 -28.58 53.50 5.36
C PRO A 185 -28.32 52.00 5.38
N ALA A 186 -28.33 51.30 4.25
CA ALA A 186 -28.01 49.88 4.25
C ALA A 186 -26.55 49.66 3.89
N MET A 187 -26.06 50.30 2.83
CA MET A 187 -24.68 50.07 2.40
C MET A 187 -23.69 50.55 3.44
N VAL A 188 -23.94 51.71 4.05
CA VAL A 188 -22.99 52.25 5.02
C VAL A 188 -22.87 51.33 6.22
N ILE A 189 -24.01 50.84 6.71
CA ILE A 189 -23.98 49.97 7.89
C ILE A 189 -23.36 48.62 7.55
N GLY A 190 -23.65 48.06 6.38
CA GLY A 190 -23.00 46.82 5.99
C GLY A 190 -21.49 46.97 5.86
N PHE A 191 -21.04 48.05 5.23
CA PHE A 191 -19.62 48.29 5.08
C PHE A 191 -18.93 48.48 6.43
N ILE A 192 -19.56 49.23 7.35
CA ILE A 192 -19.00 49.38 8.68
C ILE A 192 -18.95 48.04 9.39
N GLY A 193 -19.95 47.20 9.18
CA GLY A 193 -19.94 45.87 9.79
C GLY A 193 -18.74 45.05 9.34
N LEU A 194 -18.48 45.03 8.03
CA LEU A 194 -17.34 44.26 7.55
C LEU A 194 -16.02 44.85 8.06
N LEU A 195 -15.90 46.18 8.03
CA LEU A 195 -14.67 46.82 8.49
C LEU A 195 -14.44 46.62 9.98
N LEU A 196 -15.50 46.33 10.74
CA LEU A 196 -15.30 45.97 12.14
C LEU A 196 -15.17 44.47 12.33
N ASN A 197 -15.50 43.68 11.30
CA ASN A 197 -15.24 42.24 11.38
C ASN A 197 -13.79 41.90 11.14
N ILE A 198 -13.10 42.65 10.28
CA ILE A 198 -11.70 42.30 10.02
C ILE A 198 -10.81 42.40 11.26
N PRO A 199 -10.79 43.51 12.01
CA PRO A 199 -9.87 43.58 13.17
C PRO A 199 -10.34 42.78 14.36
N LEU A 200 -11.63 42.55 14.48
CA LEU A 200 -12.17 41.92 15.69
C LEU A 200 -12.16 40.40 15.61
N ASN A 201 -11.81 39.82 14.46
CA ASN A 201 -11.42 38.42 14.44
C ASN A 201 -10.06 38.21 15.09
N TRP A 202 -9.11 39.09 14.79
CA TRP A 202 -7.75 38.91 15.28
C TRP A 202 -7.63 39.09 16.79
N ILE A 203 -8.64 39.67 17.44
CA ILE A 203 -8.61 39.76 18.89
C ILE A 203 -9.02 38.42 19.52
N PHE A 204 -9.97 37.73 18.90
CA PHE A 204 -10.51 36.51 19.47
C PHE A 204 -9.92 35.25 18.85
N VAL A 205 -9.28 35.35 17.68
CA VAL A 205 -8.62 34.18 17.11
C VAL A 205 -7.26 33.98 17.74
N TYR A 206 -6.42 35.02 17.73
CA TYR A 206 -5.10 34.92 18.35
C TYR A 206 -5.13 35.40 19.80
N GLY A 207 -6.08 34.87 20.57
CA GLY A 207 -6.12 34.98 22.01
C GLY A 207 -5.53 36.24 22.63
N LYS A 208 -5.93 37.41 22.16
CA LYS A 208 -5.23 38.62 22.49
C LYS A 208 -6.09 39.54 23.34
N PHE A 209 -5.42 40.48 24.02
CA PHE A 209 -6.07 41.47 24.90
C PHE A 209 -6.95 40.82 25.96
N GLY A 210 -6.41 39.81 26.63
CA GLY A 210 -7.17 39.14 27.67
C GLY A 210 -8.45 38.51 27.17
N ALA A 211 -8.39 37.89 25.99
CA ALA A 211 -9.54 37.23 25.41
C ALA A 211 -9.19 35.77 25.12
N PRO A 212 -10.19 34.89 25.03
CA PRO A 212 -9.89 33.47 24.89
C PRO A 212 -9.06 33.17 23.65
N GLU A 213 -8.21 32.14 23.78
CA GLU A 213 -7.43 31.68 22.63
C GLU A 213 -8.34 31.29 21.47
N LEU A 214 -9.31 30.41 21.73
CA LEU A 214 -10.50 30.24 20.91
C LEU A 214 -10.18 30.27 19.41
N GLY A 215 -9.41 29.26 19.00
CA GLY A 215 -8.75 29.33 17.70
C GLY A 215 -9.71 29.35 16.53
N GLY A 216 -10.71 28.47 16.54
CA GLY A 216 -11.57 28.32 15.38
C GLY A 216 -13.00 28.77 15.58
N VAL A 217 -13.32 29.18 16.80
CA VAL A 217 -14.65 29.69 17.13
C VAL A 217 -14.64 31.20 17.38
N GLY A 218 -13.45 31.79 17.48
CA GLY A 218 -13.36 33.22 17.63
C GLY A 218 -14.00 33.96 16.47
N CYS A 219 -13.90 33.39 15.26
CA CYS A 219 -14.56 34.01 14.12
C CYS A 219 -16.08 33.97 14.25
N GLY A 220 -16.64 32.87 14.77
CA GLY A 220 -18.07 32.85 15.01
C GLY A 220 -18.51 33.87 16.04
N VAL A 221 -17.75 34.00 17.13
CA VAL A 221 -18.09 34.99 18.14
C VAL A 221 -18.00 36.41 17.56
N ALA A 222 -16.99 36.66 16.73
CA ALA A 222 -16.87 37.97 16.09
C ALA A 222 -18.06 38.24 15.18
N THR A 223 -18.52 37.23 14.44
CA THR A 223 -19.69 37.42 13.59
C THR A 223 -20.92 37.79 14.41
N ALA A 224 -21.15 37.09 15.51
CA ALA A 224 -22.31 37.42 16.35
C ALA A 224 -22.23 38.86 16.87
N ILE A 225 -21.04 39.26 17.36
CA ILE A 225 -20.89 40.59 17.92
C ILE A 225 -21.13 41.65 16.86
N VAL A 226 -20.56 41.48 15.67
CA VAL A 226 -20.74 42.50 14.64
C VAL A 226 -22.19 42.57 14.17
N TYR A 227 -22.91 41.45 14.11
CA TYR A 227 -24.33 41.54 13.75
C TYR A 227 -25.13 42.32 14.78
N TRP A 228 -24.89 42.08 16.07
CA TRP A 228 -25.62 42.85 17.08
C TRP A 228 -25.30 44.34 17.00
N ILE A 229 -24.03 44.68 16.76
CA ILE A 229 -23.68 46.09 16.62
C ILE A 229 -24.40 46.73 15.45
N MET A 230 -24.45 46.03 14.30
CA MET A 230 -25.15 46.61 13.15
C MET A 230 -26.63 46.84 13.44
N LEU A 231 -27.28 45.88 14.10
CA LEU A 231 -28.69 46.09 14.44
C LEU A 231 -28.88 47.33 15.30
N LEU A 232 -28.04 47.49 16.32
CA LEU A 232 -28.18 48.65 17.20
C LEU A 232 -27.98 49.95 16.44
N LEU A 233 -26.98 50.00 15.56
CA LEU A 233 -26.74 51.23 14.80
C LEU A 233 -27.92 51.55 13.90
N LEU A 234 -28.52 50.54 13.27
CA LEU A 234 -29.65 50.80 12.40
C LEU A 234 -30.84 51.36 13.20
N LEU A 235 -31.11 50.78 14.37
CA LEU A 235 -32.21 51.32 15.18
C LEU A 235 -31.93 52.76 15.59
N PHE A 236 -30.69 53.06 15.97
CA PHE A 236 -30.35 54.43 16.33
C PHE A 236 -30.55 55.38 15.17
N TYR A 237 -30.20 54.96 13.95
CA TYR A 237 -30.44 55.82 12.79
C TYR A 237 -31.93 56.03 12.54
N ILE A 238 -32.73 54.97 12.71
CA ILE A 238 -34.17 55.09 12.45
C ILE A 238 -34.81 56.06 13.43
N VAL A 239 -34.39 56.02 14.70
CA VAL A 239 -34.96 56.92 15.69
C VAL A 239 -34.62 58.38 15.38
N THR A 240 -33.37 58.64 14.96
CA THR A 240 -32.87 60.00 14.87
C THR A 240 -33.11 60.67 13.52
N SER A 241 -33.32 59.91 12.45
CA SER A 241 -33.33 60.48 11.10
C SER A 241 -34.42 61.52 10.94
N LYS A 242 -34.12 62.57 10.17
CA LYS A 242 -35.05 63.65 9.89
C LYS A 242 -35.85 63.43 8.62
N ARG A 243 -35.54 62.39 7.85
CA ARG A 243 -36.30 62.08 6.65
C ARG A 243 -37.52 61.20 6.93
N LEU A 244 -37.49 60.43 8.01
CA LEU A 244 -38.59 59.55 8.38
C LEU A 244 -39.50 60.16 9.44
N ALA A 245 -39.21 61.39 9.88
CA ALA A 245 -39.94 61.97 11.01
C ALA A 245 -41.42 62.06 10.73
N HIS A 246 -41.82 62.09 9.46
CA HIS A 246 -43.23 62.19 9.10
C HIS A 246 -43.96 60.85 9.17
N VAL A 247 -43.40 59.85 9.84
CA VAL A 247 -44.08 58.56 9.96
C VAL A 247 -44.43 58.28 11.42
N LYS A 248 -43.61 58.78 12.34
CA LYS A 248 -43.77 58.53 13.78
C LYS A 248 -43.85 57.03 14.07
N VAL A 249 -42.74 56.34 13.83
CA VAL A 249 -42.74 54.88 13.84
C VAL A 249 -42.67 54.32 15.26
N PHE A 250 -41.80 54.86 16.11
CA PHE A 250 -41.61 54.32 17.45
C PHE A 250 -42.38 55.13 18.48
N GLU A 251 -43.71 55.09 18.36
CA GLU A 251 -44.59 55.84 19.26
C GLU A 251 -45.67 54.95 19.87
N THR A 252 -46.02 53.85 19.23
CA THR A 252 -47.09 52.98 19.69
C THR A 252 -46.54 51.68 20.25
N PHE A 253 -47.43 50.93 20.90
CA PHE A 253 -47.10 49.66 21.54
C PHE A 253 -48.06 48.60 21.02
N HIS A 254 -48.21 48.53 19.70
CA HIS A 254 -49.21 47.65 19.09
C HIS A 254 -48.98 46.19 19.46
N LYS A 255 -50.01 45.39 19.27
CA LYS A 255 -50.06 43.99 19.68
C LYS A 255 -50.35 43.09 18.48
N PRO A 256 -49.95 41.82 18.55
CA PRO A 256 -50.21 40.90 17.44
C PRO A 256 -51.69 40.58 17.30
N GLN A 257 -52.06 40.19 16.08
CA GLN A 257 -53.41 39.73 15.76
C GLN A 257 -53.31 38.69 14.66
N PRO A 258 -53.76 37.45 14.91
CA PRO A 258 -53.56 36.38 13.92
C PRO A 258 -54.21 36.64 12.58
N LYS A 259 -55.40 37.26 12.55
CA LYS A 259 -56.11 37.46 11.30
C LYS A 259 -55.24 38.23 10.30
N GLU A 260 -54.66 39.34 10.74
CA GLU A 260 -53.86 40.17 9.85
C GLU A 260 -52.49 39.54 9.61
N LEU A 261 -51.97 38.78 10.58
CA LEU A 261 -50.63 38.22 10.45
C LEU A 261 -50.59 37.03 9.50
N ILE A 262 -51.66 36.25 9.39
CA ILE A 262 -51.70 35.19 8.39
C ILE A 262 -51.62 35.77 6.98
N ARG A 263 -52.04 37.02 6.82
CA ARG A 263 -51.96 37.66 5.51
C ARG A 263 -50.52 37.74 5.02
N LEU A 264 -49.59 38.11 5.89
CA LEU A 264 -48.19 38.20 5.48
C LEU A 264 -47.60 36.83 5.19
N PHE A 265 -48.01 35.80 5.94
CA PHE A 265 -47.44 34.49 5.71
C PHE A 265 -47.87 33.91 4.36
N ARG A 266 -49.13 34.10 3.99
CA ARG A 266 -49.58 33.65 2.67
C ARG A 266 -48.83 34.35 1.55
N LEU A 267 -48.51 35.64 1.73
CA LEU A 267 -47.75 36.35 0.72
C LEU A 267 -46.31 35.87 0.67
N GLY A 268 -45.72 35.57 1.83
CA GLY A 268 -44.30 35.31 1.90
C GLY A 268 -43.87 33.88 1.64
N PHE A 269 -44.74 32.90 1.84
CA PHE A 269 -44.28 31.50 1.78
C PHE A 269 -43.74 31.07 0.42
N PRO A 270 -44.41 31.31 -0.71
CA PRO A 270 -43.88 30.81 -1.99
C PRO A 270 -42.50 31.34 -2.32
N VAL A 271 -42.18 32.57 -1.90
CA VAL A 271 -40.86 33.12 -2.14
C VAL A 271 -39.79 32.30 -1.43
N ALA A 272 -40.09 31.80 -0.23
CA ALA A 272 -39.16 30.92 0.46
C ALA A 272 -39.12 29.53 -0.16
N ALA A 273 -40.28 29.03 -0.62
CA ALA A 273 -40.31 27.69 -1.20
C ALA A 273 -39.47 27.62 -2.47
N ALA A 274 -39.52 28.65 -3.30
CA ALA A 274 -38.71 28.66 -4.52
C ALA A 274 -37.22 28.59 -4.20
N LEU A 275 -36.77 29.37 -3.21
CA LEU A 275 -35.36 29.34 -2.82
C LEU A 275 -34.97 27.96 -2.29
N PHE A 276 -35.83 27.36 -1.47
CA PHE A 276 -35.52 26.04 -0.94
C PHE A 276 -35.37 25.02 -2.05
N PHE A 277 -36.30 25.01 -3.01
CA PHE A 277 -36.22 24.01 -4.08
C PHE A 277 -35.02 24.26 -4.98
N GLU A 278 -34.65 25.52 -5.21
CA GLU A 278 -33.44 25.81 -5.98
C GLU A 278 -32.20 25.27 -5.29
N VAL A 279 -32.09 25.49 -3.97
CA VAL A 279 -30.92 24.98 -3.25
C VAL A 279 -30.87 23.46 -3.29
N THR A 280 -32.01 22.80 -3.10
CA THR A 280 -32.00 21.34 -3.16
C THR A 280 -31.65 20.84 -4.56
N LEU A 281 -32.05 21.54 -5.62
CA LEU A 281 -31.63 21.13 -6.95
C LEU A 281 -30.12 21.21 -7.09
N PHE A 282 -29.52 22.31 -6.62
CA PHE A 282 -28.07 22.43 -6.73
C PHE A 282 -27.36 21.40 -5.86
N ALA A 283 -28.00 20.94 -4.78
CA ALA A 283 -27.38 19.89 -3.96
C ALA A 283 -27.47 18.53 -4.64
N VAL A 284 -28.62 18.22 -5.26
CA VAL A 284 -28.81 16.93 -5.91
C VAL A 284 -27.90 16.77 -7.11
N VAL A 285 -27.69 17.86 -7.88
CA VAL A 285 -26.82 17.76 -9.04
C VAL A 285 -25.40 17.36 -8.65
N ALA A 286 -24.92 17.89 -7.52
CA ALA A 286 -23.58 17.51 -7.05
C ALA A 286 -23.52 16.04 -6.67
N LEU A 287 -24.58 15.52 -6.06
CA LEU A 287 -24.60 14.10 -5.72
C LEU A 287 -24.56 13.23 -6.97
N LEU A 288 -25.29 13.62 -8.02
CA LEU A 288 -25.24 12.85 -9.26
C LEU A 288 -23.91 13.00 -9.99
N VAL A 289 -23.21 14.12 -9.80
CA VAL A 289 -21.89 14.28 -10.43
C VAL A 289 -20.79 13.60 -9.63
N ALA A 290 -21.02 13.34 -8.34
CA ALA A 290 -20.02 12.68 -7.50
C ALA A 290 -19.52 11.34 -8.05
N PRO A 291 -20.34 10.48 -8.68
CA PRO A 291 -19.78 9.24 -9.25
C PRO A 291 -18.59 9.46 -10.17
N LEU A 292 -18.50 10.60 -10.84
CA LEU A 292 -17.35 10.87 -11.69
C LEU A 292 -16.12 11.19 -10.83
N GLY A 293 -15.02 11.51 -11.51
CA GLY A 293 -13.76 11.66 -10.82
C GLY A 293 -13.75 12.87 -9.89
N SER A 294 -12.85 12.82 -8.91
CA SER A 294 -12.70 13.95 -7.99
C SER A 294 -12.06 15.16 -8.67
N THR A 295 -11.43 14.97 -9.82
CA THR A 295 -10.94 16.12 -10.58
C THR A 295 -12.08 16.81 -11.33
N VAL A 296 -13.11 16.06 -11.73
CA VAL A 296 -14.25 16.66 -12.40
C VAL A 296 -15.08 17.50 -11.44
N VAL A 297 -15.27 17.02 -10.21
CA VAL A 297 -16.15 17.71 -9.28
C VAL A 297 -15.53 19.03 -8.82
N ALA A 298 -14.20 19.12 -8.77
CA ALA A 298 -13.55 20.36 -8.34
C ALA A 298 -13.80 21.49 -9.32
N ALA A 299 -13.67 21.22 -10.62
CA ALA A 299 -13.92 22.26 -11.61
C ALA A 299 -15.40 22.63 -11.66
N HIS A 300 -16.28 21.66 -11.47
CA HIS A 300 -17.71 21.96 -11.37
C HIS A 300 -17.99 22.90 -10.20
N GLN A 301 -17.38 22.63 -9.04
CA GLN A 301 -17.59 23.49 -7.89
C GLN A 301 -17.04 24.89 -8.12
N VAL A 302 -15.88 25.00 -8.76
CA VAL A 302 -15.31 26.32 -9.04
C VAL A 302 -16.24 27.10 -9.97
N ALA A 303 -16.70 26.46 -11.04
CA ALA A 303 -17.56 27.17 -11.99
C ALA A 303 -18.86 27.59 -11.33
N LEU A 304 -19.45 26.71 -10.52
CA LEU A 304 -20.70 27.04 -9.85
C LEU A 304 -20.53 28.19 -8.85
N ASN A 305 -19.43 28.18 -8.09
CA ASN A 305 -19.19 29.25 -7.14
C ASN A 305 -19.04 30.58 -7.86
N PHE A 306 -18.27 30.63 -8.94
CA PHE A 306 -18.14 31.90 -9.63
C PHE A 306 -19.46 32.35 -10.25
N SER A 307 -20.23 31.40 -10.80
CA SER A 307 -21.52 31.77 -11.36
C SER A 307 -22.49 32.23 -10.28
N SER A 308 -22.25 31.86 -9.03
CA SER A 308 -23.05 32.39 -7.93
C SER A 308 -22.57 33.76 -7.47
N LEU A 309 -21.28 34.07 -7.60
CA LEU A 309 -20.80 35.38 -7.19
C LEU A 309 -21.35 36.50 -8.06
N VAL A 310 -21.37 36.31 -9.39
CA VAL A 310 -21.77 37.37 -10.30
C VAL A 310 -23.28 37.43 -10.48
N PHE A 311 -24.03 36.70 -9.65
CA PHE A 311 -25.48 36.74 -9.64
C PHE A 311 -26.03 37.98 -8.95
N MET A 312 -25.17 38.79 -8.34
CA MET A 312 -25.62 39.90 -7.51
C MET A 312 -26.20 41.04 -8.33
N PHE A 313 -25.67 41.31 -9.52
CA PHE A 313 -26.16 42.43 -10.31
C PHE A 313 -27.63 42.29 -10.70
N PRO A 314 -28.07 41.18 -11.30
CA PRO A 314 -29.50 41.07 -11.63
C PRO A 314 -30.40 41.02 -10.41
N MET A 315 -29.93 40.44 -9.30
CA MET A 315 -30.74 40.44 -8.09
C MET A 315 -30.93 41.85 -7.54
N SER A 316 -29.88 42.67 -7.57
CA SER A 316 -30.01 44.06 -7.14
C SER A 316 -30.97 44.83 -8.04
N ILE A 317 -30.88 44.62 -9.35
CA ILE A 317 -31.81 45.31 -10.26
C ILE A 317 -33.24 44.85 -10.01
N GLY A 318 -33.43 43.56 -9.75
CA GLY A 318 -34.75 43.08 -9.40
C GLY A 318 -35.29 43.72 -8.14
N ALA A 319 -34.42 43.89 -7.13
CA ALA A 319 -34.84 44.54 -5.90
C ALA A 319 -35.24 45.99 -6.12
N ALA A 320 -34.52 46.71 -6.99
CA ALA A 320 -34.92 48.10 -7.27
C ALA A 320 -36.24 48.16 -8.04
N VAL A 321 -36.41 47.29 -9.03
CA VAL A 321 -37.67 47.25 -9.78
C VAL A 321 -38.84 46.94 -8.85
N SER A 322 -38.63 46.06 -7.87
CA SER A 322 -39.73 45.66 -7.00
C SER A 322 -40.28 46.84 -6.21
N ILE A 323 -39.41 47.69 -5.67
CA ILE A 323 -39.90 48.85 -4.92
C ILE A 323 -40.48 49.89 -5.88
N ARG A 324 -39.91 49.98 -7.09
CA ARG A 324 -40.38 51.03 -8.00
C ARG A 324 -41.75 50.71 -8.58
N VAL A 325 -42.02 49.44 -8.87
CA VAL A 325 -43.31 49.06 -9.46
C VAL A 325 -44.44 49.20 -8.45
N GLY A 326 -44.19 48.85 -7.19
CA GLY A 326 -45.23 48.98 -6.18
C GLY A 326 -45.56 50.42 -5.84
N HIS A 327 -44.63 51.35 -6.11
CA HIS A 327 -44.88 52.76 -5.87
C HIS A 327 -45.89 53.32 -6.85
N LYS A 328 -45.70 53.03 -8.14
CA LYS A 328 -46.60 53.55 -9.17
C LYS A 328 -48.02 53.05 -8.95
N LEU A 329 -48.16 51.76 -8.64
CA LEU A 329 -49.50 51.20 -8.43
C LEU A 329 -50.15 51.78 -7.18
N GLY A 330 -49.36 52.16 -6.19
CA GLY A 330 -49.90 52.91 -5.07
C GLY A 330 -50.40 54.27 -5.49
N GLU A 331 -49.64 54.94 -6.37
CA GLU A 331 -50.04 56.25 -6.88
C GLU A 331 -51.18 56.16 -7.88
N GLN A 332 -51.83 55.00 -8.00
CA GLN A 332 -52.94 54.77 -8.93
C GLN A 332 -52.53 55.00 -10.37
N ASP A 333 -51.27 54.77 -10.69
CA ASP A 333 -50.73 54.91 -12.04
C ASP A 333 -50.30 53.54 -12.54
N THR A 334 -50.72 53.18 -13.74
CA THR A 334 -50.40 51.87 -14.30
C THR A 334 -49.37 51.94 -15.42
N LYS A 335 -49.37 53.01 -16.22
CA LYS A 335 -48.35 53.18 -17.24
C LYS A 335 -46.97 53.31 -16.61
N GLY A 336 -46.91 53.93 -15.43
CA GLY A 336 -45.65 53.97 -14.69
C GLY A 336 -45.15 52.58 -14.32
N ALA A 337 -46.05 51.71 -13.86
CA ALA A 337 -45.65 50.34 -13.56
C ALA A 337 -45.15 49.62 -14.81
N ALA A 338 -45.87 49.79 -15.93
CA ALA A 338 -45.44 49.13 -17.16
C ALA A 338 -44.04 49.59 -17.60
N ILE A 339 -43.80 50.91 -17.58
CA ILE A 339 -42.50 51.39 -18.01
C ILE A 339 -41.41 50.97 -17.03
N ALA A 340 -41.73 50.94 -15.72
CA ALA A 340 -40.75 50.49 -14.74
C ALA A 340 -40.33 49.05 -15.01
N ALA A 341 -41.31 48.17 -15.23
CA ALA A 341 -40.97 46.76 -15.48
C ALA A 341 -40.15 46.61 -16.76
N ASN A 342 -40.56 47.30 -17.84
CA ASN A 342 -39.84 47.13 -19.10
C ASN A 342 -38.40 47.65 -19.02
N VAL A 343 -38.20 48.81 -18.41
CA VAL A 343 -36.84 49.33 -18.27
C VAL A 343 -36.02 48.43 -17.37
N GLY A 344 -36.64 47.85 -16.34
CA GLY A 344 -35.92 46.89 -15.51
C GLY A 344 -35.42 45.71 -16.32
N LEU A 345 -36.29 45.15 -17.17
CA LEU A 345 -35.89 44.00 -17.99
C LEU A 345 -34.74 44.38 -18.92
N MET A 346 -34.85 45.52 -19.58
CA MET A 346 -33.81 45.91 -20.53
C MET A 346 -32.47 46.13 -19.84
N THR A 347 -32.48 46.78 -18.67
CA THR A 347 -31.22 47.02 -17.97
C THR A 347 -30.61 45.72 -17.45
N GLY A 348 -31.43 44.80 -16.95
CA GLY A 348 -30.90 43.52 -16.54
C GLY A 348 -30.27 42.76 -17.69
N LEU A 349 -30.90 42.80 -18.87
CA LEU A 349 -30.31 42.14 -20.03
C LEU A 349 -28.98 42.77 -20.44
N ALA A 350 -28.91 44.10 -20.43
CA ALA A 350 -27.67 44.77 -20.81
C ALA A 350 -26.52 44.42 -19.88
N THR A 351 -26.77 44.46 -18.56
CA THR A 351 -25.69 44.13 -17.63
C THR A 351 -25.32 42.65 -17.73
N ALA A 352 -26.28 41.77 -17.99
CA ALA A 352 -25.95 40.37 -18.20
C ALA A 352 -25.03 40.21 -19.40
N CYS A 353 -25.34 40.89 -20.50
CA CYS A 353 -24.51 40.76 -21.69
C CYS A 353 -23.09 41.26 -21.44
N ILE A 354 -22.95 42.42 -20.79
CA ILE A 354 -21.62 42.96 -20.58
C ILE A 354 -20.81 42.04 -19.68
N THR A 355 -21.41 41.51 -18.60
CA THR A 355 -20.61 40.67 -17.71
C THR A 355 -20.35 39.30 -18.32
N ALA A 356 -21.23 38.79 -19.19
CA ALA A 356 -20.93 37.56 -19.88
C ALA A 356 -19.74 37.72 -20.82
N LEU A 357 -19.69 38.83 -21.56
CA LEU A 357 -18.53 39.06 -22.41
C LEU A 357 -17.25 39.22 -21.58
N LEU A 358 -17.34 39.95 -20.47
CA LEU A 358 -16.16 40.13 -19.62
C LEU A 358 -15.73 38.84 -18.94
N THR A 359 -16.62 37.86 -18.79
CA THR A 359 -16.22 36.56 -18.24
C THR A 359 -15.63 35.65 -19.30
N VAL A 360 -16.21 35.61 -20.50
CA VAL A 360 -15.66 34.77 -21.56
C VAL A 360 -14.28 35.26 -21.97
N LEU A 361 -14.09 36.58 -22.04
CA LEU A 361 -12.79 37.12 -22.42
C LEU A 361 -11.71 36.87 -21.38
N PHE A 362 -12.08 36.63 -20.12
CA PHE A 362 -11.11 36.56 -19.02
C PHE A 362 -11.22 35.27 -18.23
N ARG A 363 -11.31 34.13 -18.89
CA ARG A 363 -11.43 32.86 -18.17
C ARG A 363 -10.08 32.26 -17.82
N GLU A 364 -9.00 33.01 -17.96
CA GLU A 364 -7.65 32.57 -17.63
C GLU A 364 -7.28 32.84 -16.18
N GLN A 365 -7.34 34.11 -15.77
CA GLN A 365 -6.78 34.50 -14.49
C GLN A 365 -7.66 34.08 -13.31
N ILE A 366 -8.97 34.03 -13.48
CA ILE A 366 -9.83 33.73 -12.33
C ILE A 366 -9.68 32.27 -11.91
N ALA A 367 -9.58 31.36 -12.88
CA ALA A 367 -9.39 29.95 -12.54
C ALA A 367 -8.05 29.73 -11.87
N LEU A 368 -7.09 30.64 -12.10
CA LEU A 368 -5.81 30.58 -11.40
C LEU A 368 -5.87 31.25 -10.04
N LEU A 369 -6.79 32.20 -9.86
CA LEU A 369 -7.07 32.72 -8.53
C LEU A 369 -7.65 31.64 -7.64
N TYR A 370 -8.56 30.84 -8.19
CA TYR A 370 -9.26 29.85 -7.38
C TYR A 370 -8.33 28.73 -6.93
N THR A 371 -7.57 28.15 -7.85
CA THR A 371 -6.87 26.88 -7.58
C THR A 371 -5.46 26.94 -8.15
N GLU A 372 -4.78 25.79 -8.13
CA GLU A 372 -3.40 25.67 -8.59
C GLU A 372 -3.16 24.51 -9.55
N ASN A 373 -3.86 23.38 -9.39
CA ASN A 373 -3.68 22.26 -10.30
C ASN A 373 -3.99 22.68 -11.73
N GLN A 374 -3.10 22.33 -12.65
CA GLN A 374 -3.33 22.73 -14.05
C GLN A 374 -4.37 21.86 -14.74
N VAL A 375 -4.57 20.62 -14.30
CA VAL A 375 -5.65 19.83 -14.88
C VAL A 375 -7.00 20.41 -14.48
N VAL A 376 -7.14 20.88 -13.24
CA VAL A 376 -8.39 21.47 -12.79
C VAL A 376 -8.69 22.75 -13.55
N VAL A 377 -7.69 23.62 -13.74
CA VAL A 377 -7.93 24.83 -14.51
C VAL A 377 -8.22 24.50 -15.97
N ALA A 378 -7.51 23.51 -16.52
CA ALA A 378 -7.75 23.13 -17.91
C ALA A 378 -9.15 22.57 -18.12
N LEU A 379 -9.75 22.01 -17.09
CA LEU A 379 -11.12 21.53 -17.27
C LEU A 379 -12.15 22.61 -16.94
N ALA A 380 -11.85 23.52 -16.01
CA ALA A 380 -12.79 24.58 -15.66
C ALA A 380 -12.90 25.66 -16.73
N MET A 381 -11.86 25.83 -17.55
CA MET A 381 -11.96 26.76 -18.67
C MET A 381 -13.07 26.35 -19.64
N GLN A 382 -13.43 25.06 -19.67
CA GLN A 382 -14.52 24.61 -20.51
C GLN A 382 -15.87 24.92 -19.89
N LEU A 383 -15.98 24.85 -18.57
CA LEU A 383 -17.25 25.08 -17.90
C LEU A 383 -17.60 26.56 -17.82
N LEU A 384 -16.60 27.45 -17.78
CA LEU A 384 -16.92 28.87 -17.74
C LEU A 384 -17.66 29.32 -18.99
N LEU A 385 -17.44 28.63 -20.12
CA LEU A 385 -18.15 28.96 -21.35
C LEU A 385 -19.66 28.82 -21.16
N PHE A 386 -20.09 27.72 -20.53
CA PHE A 386 -21.51 27.54 -20.25
C PHE A 386 -21.98 28.44 -19.11
N ALA A 387 -21.11 28.75 -18.15
CA ALA A 387 -21.48 29.67 -17.10
C ALA A 387 -21.84 31.05 -17.65
N ALA A 388 -21.21 31.44 -18.77
CA ALA A 388 -21.56 32.72 -19.39
C ALA A 388 -23.03 32.74 -19.85
N ILE A 389 -23.45 31.69 -20.58
CA ILE A 389 -24.84 31.61 -21.02
C ILE A 389 -25.77 31.55 -19.81
N TYR A 390 -25.34 30.84 -18.76
CA TYR A 390 -26.15 30.76 -17.55
C TYR A 390 -26.39 32.14 -16.97
N GLN A 391 -25.35 32.96 -16.90
CA GLN A 391 -25.51 34.34 -16.46
C GLN A 391 -26.54 35.06 -17.33
N CYS A 392 -26.34 35.01 -18.64
CA CYS A 392 -27.17 35.79 -19.55
C CYS A 392 -28.64 35.40 -19.45
N MET A 393 -28.93 34.14 -19.09
CA MET A 393 -30.32 33.72 -18.98
C MET A 393 -30.93 34.00 -17.61
N ASP A 394 -30.22 33.68 -16.53
CA ASP A 394 -30.85 33.88 -15.23
C ASP A 394 -31.02 35.36 -14.92
N ALA A 395 -30.28 36.24 -15.59
CA ALA A 395 -30.53 37.67 -15.37
C ALA A 395 -31.94 38.05 -15.78
N VAL A 396 -32.34 37.67 -17.00
CA VAL A 396 -33.71 37.94 -17.45
C VAL A 396 -34.71 37.25 -16.54
N GLN A 397 -34.43 35.99 -16.18
CA GLN A 397 -35.37 35.27 -15.32
C GLN A 397 -35.61 36.01 -14.01
N VAL A 398 -34.53 36.43 -13.33
CA VAL A 398 -34.71 37.02 -12.01
C VAL A 398 -35.30 38.42 -12.09
N VAL A 399 -34.99 39.18 -13.14
CA VAL A 399 -35.62 40.50 -13.26
C VAL A 399 -37.12 40.36 -13.50
N ALA A 400 -37.53 39.39 -14.32
CA ALA A 400 -38.96 39.15 -14.50
C ALA A 400 -39.61 38.73 -13.19
N ALA A 401 -38.93 37.88 -12.41
CA ALA A 401 -39.49 37.46 -11.13
C ALA A 401 -39.64 38.64 -10.17
N GLY A 402 -38.66 39.55 -10.15
CA GLY A 402 -38.79 40.73 -9.31
C GLY A 402 -39.95 41.62 -9.71
N SER A 403 -40.10 41.84 -11.03
CA SER A 403 -41.23 42.64 -11.49
C SER A 403 -42.56 42.00 -11.11
N LEU A 404 -42.66 40.67 -11.22
CA LEU A 404 -43.89 40.00 -10.79
C LEU A 404 -44.13 40.14 -9.30
N ARG A 405 -43.07 40.04 -8.50
CA ARG A 405 -43.21 40.28 -7.07
C ARG A 405 -43.69 41.69 -6.77
N GLY A 406 -43.44 42.63 -7.68
CA GLY A 406 -43.95 43.97 -7.47
C GLY A 406 -45.47 44.03 -7.45
N TYR A 407 -46.14 43.12 -8.17
CA TYR A 407 -47.58 43.11 -8.29
C TYR A 407 -48.27 42.32 -7.18
N LYS A 408 -47.53 41.92 -6.15
CA LYS A 408 -48.04 41.04 -5.08
C LYS A 408 -48.57 39.73 -5.63
N ASP A 409 -48.07 39.27 -6.77
CA ASP A 409 -48.38 37.95 -7.28
C ASP A 409 -47.25 37.00 -6.89
N MET A 410 -47.25 36.63 -5.62
CA MET A 410 -46.20 35.79 -5.07
C MET A 410 -46.44 34.30 -5.30
N THR A 411 -47.57 33.92 -5.91
CA THR A 411 -47.91 32.51 -6.02
C THR A 411 -47.46 31.91 -7.34
N ALA A 412 -47.74 32.58 -8.46
CA ALA A 412 -47.41 32.02 -9.77
C ALA A 412 -45.91 31.79 -9.94
N ILE A 413 -45.10 32.60 -9.27
CA ILE A 413 -43.65 32.43 -9.34
C ILE A 413 -43.27 31.02 -8.91
N PHE A 414 -43.84 30.54 -7.81
CA PHE A 414 -43.43 29.25 -7.26
C PHE A 414 -43.77 28.11 -8.21
N HIS A 415 -45.02 28.08 -8.69
CA HIS A 415 -45.41 27.04 -9.64
C HIS A 415 -44.53 27.05 -10.88
N ARG A 416 -44.35 28.23 -11.49
CA ARG A 416 -43.62 28.28 -12.75
C ARG A 416 -42.16 27.90 -12.57
N THR A 417 -41.51 28.39 -11.51
CA THR A 417 -40.10 28.07 -11.35
C THR A 417 -39.90 26.62 -10.91
N PHE A 418 -40.80 26.05 -10.12
CA PHE A 418 -40.67 24.65 -9.75
C PHE A 418 -40.84 23.74 -10.96
N ILE A 419 -41.85 24.03 -11.80
CA ILE A 419 -42.03 23.24 -13.01
C ILE A 419 -40.81 23.34 -13.92
N SER A 420 -40.30 24.56 -14.11
CA SER A 420 -39.19 24.73 -15.04
C SER A 420 -37.87 24.22 -14.45
N TYR A 421 -37.79 24.01 -13.14
CA TYR A 421 -36.56 23.47 -12.57
C TYR A 421 -36.58 21.95 -12.51
N TRP A 422 -37.57 21.37 -11.82
CA TRP A 422 -37.49 19.96 -11.45
C TRP A 422 -38.19 19.02 -12.42
N VAL A 423 -38.73 19.52 -13.52
CA VAL A 423 -39.37 18.68 -14.53
C VAL A 423 -38.64 18.74 -15.87
N LEU A 424 -38.17 19.93 -16.24
CA LEU A 424 -37.40 20.09 -17.46
C LEU A 424 -35.91 20.23 -17.21
N GLY A 425 -35.53 20.91 -16.12
CA GLY A 425 -34.12 21.14 -15.86
C GLY A 425 -33.36 19.90 -15.47
N LEU A 426 -33.94 19.07 -14.61
CA LEU A 426 -33.22 17.93 -14.06
C LEU A 426 -33.19 16.71 -14.99
N PRO A 427 -34.34 16.23 -15.50
CA PRO A 427 -34.27 15.05 -16.38
C PRO A 427 -33.44 15.27 -17.62
N THR A 428 -33.43 16.48 -18.19
CA THR A 428 -32.68 16.72 -19.41
C THR A 428 -31.18 16.69 -19.15
N GLY A 429 -30.76 17.07 -17.94
CA GLY A 429 -29.36 16.96 -17.60
C GLY A 429 -28.89 15.51 -17.52
N TYR A 430 -29.71 14.65 -16.92
CA TYR A 430 -29.36 13.24 -16.80
C TYR A 430 -29.37 12.55 -18.15
N ILE A 431 -30.32 12.91 -19.01
CA ILE A 431 -30.39 12.30 -20.35
C ILE A 431 -29.14 12.64 -21.16
N LEU A 432 -28.69 13.89 -21.10
CA LEU A 432 -27.48 14.28 -21.81
C LEU A 432 -26.21 13.92 -21.04
N GLY A 433 -26.34 13.46 -19.80
CA GLY A 433 -25.19 13.15 -18.98
C GLY A 433 -24.91 11.66 -18.87
N MET A 434 -25.41 11.04 -17.80
CA MET A 434 -25.05 9.66 -17.49
C MET A 434 -25.59 8.68 -18.53
N THR A 435 -26.86 8.80 -18.92
CA THR A 435 -27.53 7.69 -19.58
C THR A 435 -26.99 7.38 -20.98
N ASN A 436 -26.23 8.27 -21.59
CA ASN A 436 -25.57 7.99 -22.88
C ASN A 436 -26.60 7.72 -23.98
N TRP A 437 -27.53 8.64 -24.14
CA TRP A 437 -28.46 8.64 -25.25
C TRP A 437 -28.18 9.85 -26.12
N LEU A 438 -28.92 9.95 -27.23
CA LEU A 438 -28.82 11.07 -28.15
C LEU A 438 -27.38 11.28 -28.62
N GLN A 441 -22.07 9.14 -27.20
CA GLN A 441 -21.17 9.01 -26.07
C GLN A 441 -21.65 9.86 -24.90
N PRO A 442 -21.36 9.43 -23.68
CA PRO A 442 -21.78 10.20 -22.50
C PRO A 442 -21.04 11.52 -22.41
N LEU A 443 -21.72 12.52 -21.85
CA LEU A 443 -21.14 13.81 -21.53
C LEU A 443 -21.12 13.97 -20.02
N GLY A 444 -20.09 14.64 -19.51
CA GLY A 444 -19.90 14.72 -18.08
C GLY A 444 -20.68 15.84 -17.45
N ALA A 445 -19.98 16.86 -16.93
CA ALA A 445 -20.65 18.00 -16.34
C ALA A 445 -21.40 18.82 -17.38
N LYS A 446 -20.92 18.81 -18.62
CA LYS A 446 -21.50 19.67 -19.67
C LYS A 446 -22.96 19.34 -19.92
N GLY A 447 -23.33 18.06 -19.82
CA GLY A 447 -24.74 17.71 -19.93
C GLY A 447 -25.57 18.32 -18.83
N PHE A 448 -25.05 18.32 -17.59
CA PHE A 448 -25.79 18.92 -16.49
C PHE A 448 -25.92 20.42 -16.67
N TRP A 449 -24.87 21.08 -17.17
CA TRP A 449 -24.96 22.52 -17.39
C TRP A 449 -25.95 22.85 -18.50
N LEU A 450 -26.01 22.02 -19.54
CA LEU A 450 -27.04 22.21 -20.56
C LEU A 450 -28.43 22.00 -19.97
N GLY A 451 -28.57 21.06 -19.04
CA GLY A 451 -29.84 20.92 -18.34
C GLY A 451 -30.23 22.18 -17.58
N PHE A 452 -29.25 22.79 -16.90
CA PHE A 452 -29.51 24.06 -16.22
C PHE A 452 -30.00 25.11 -17.21
N ILE A 453 -29.33 25.21 -18.37
CA ILE A 453 -29.68 26.24 -19.34
C ILE A 453 -31.10 26.02 -19.87
N ILE A 454 -31.45 24.77 -20.15
CA ILE A 454 -32.80 24.47 -20.64
C ILE A 454 -33.84 24.85 -19.59
N GLY A 455 -33.58 24.51 -18.33
CA GLY A 455 -34.53 24.88 -17.28
C GLY A 455 -34.69 26.38 -17.16
N LEU A 456 -33.58 27.12 -17.23
CA LEU A 456 -33.65 28.57 -17.11
C LEU A 456 -34.41 29.19 -18.29
N SER A 457 -34.17 28.69 -19.50
CA SER A 457 -34.89 29.24 -20.64
C SER A 457 -36.38 28.99 -20.54
N ALA A 458 -36.78 27.79 -20.11
CA ALA A 458 -38.20 27.51 -19.92
C ALA A 458 -38.82 28.42 -18.86
N ALA A 459 -38.10 28.62 -17.75
CA ALA A 459 -38.62 29.49 -16.69
C ALA A 459 -38.81 30.91 -17.18
N ALA A 460 -37.81 31.45 -17.88
CA ALA A 460 -37.93 32.80 -18.42
C ALA A 460 -39.09 32.90 -19.38
N LEU A 461 -39.24 31.90 -20.25
CA LEU A 461 -40.33 31.90 -21.22
C LEU A 461 -41.70 31.91 -20.56
N MET A 462 -41.91 31.15 -19.50
CA MET A 462 -43.21 31.16 -18.85
C MET A 462 -43.46 32.40 -18.00
N LEU A 463 -42.45 32.91 -17.30
CA LEU A 463 -42.64 34.12 -16.51
C LEU A 463 -42.91 35.33 -17.40
N GLY A 464 -42.27 35.40 -18.56
CA GLY A 464 -42.60 36.47 -19.50
C GLY A 464 -44.04 36.42 -19.95
N GLN A 465 -44.55 35.22 -20.24
CA GLN A 465 -45.94 35.07 -20.65
C GLN A 465 -46.88 35.51 -19.54
N ARG A 466 -46.59 35.12 -18.30
CA ARG A 466 -47.43 35.55 -17.18
C ARG A 466 -47.42 37.07 -17.03
N LEU A 467 -46.25 37.69 -17.14
CA LEU A 467 -46.19 39.13 -17.02
C LEU A 467 -46.99 39.82 -18.12
N TYR A 468 -46.89 39.32 -19.36
CA TYR A 468 -47.65 39.93 -20.44
C TYR A 468 -49.15 39.76 -20.24
N TRP A 469 -49.59 38.57 -19.80
CA TRP A 469 -51.01 38.36 -19.55
C TRP A 469 -51.51 39.31 -18.48
N LEU A 470 -50.72 39.51 -17.43
CA LEU A 470 -51.14 40.40 -16.35
C LEU A 470 -51.06 41.87 -16.76
N GLN A 471 -50.19 42.19 -17.73
CA GLN A 471 -50.03 43.57 -18.17
C GLN A 471 -51.02 43.99 -19.25
N LYS A 472 -51.65 43.03 -19.93
CA LYS A 472 -52.70 43.34 -20.89
C LYS A 472 -54.10 43.22 -20.29
N GLN A 473 -54.25 43.49 -18.99
CA GLN A 473 -55.54 43.45 -18.35
C GLN A 473 -56.09 44.87 -18.17
N SER A 474 -57.36 44.94 -17.80
CA SER A 474 -58.01 46.23 -17.57
C SER A 474 -57.40 46.92 -16.36
N ASP A 475 -57.51 48.25 -16.35
CA ASP A 475 -56.95 49.03 -15.25
C ASP A 475 -57.61 48.66 -13.93
N ASP A 476 -58.93 48.49 -13.93
CA ASP A 476 -59.63 48.12 -12.72
C ASP A 476 -59.18 46.75 -12.22
N VAL A 477 -59.11 45.76 -13.13
CA VAL A 477 -58.78 44.40 -12.71
C VAL A 477 -57.35 44.34 -12.21
N GLN A 478 -56.42 44.96 -12.94
CA GLN A 478 -55.02 44.95 -12.56
C GLN A 478 -54.81 45.66 -11.22
N LEU A 479 -55.46 46.81 -11.02
CA LEU A 479 -55.36 47.50 -9.75
C LEU A 479 -55.97 46.70 -8.61
N HIS A 480 -57.13 46.06 -8.85
CA HIS A 480 -57.75 45.26 -7.81
C HIS A 480 -56.84 44.11 -7.39
N LEU A 481 -56.25 43.42 -8.36
CA LEU A 481 -55.29 42.37 -8.05
C LEU A 481 -54.08 42.92 -7.30
N ALA A 482 -53.57 44.07 -7.72
CA ALA A 482 -52.48 44.72 -7.01
C ALA A 482 -52.91 45.30 -5.68
N ALA A 483 -54.20 45.64 -5.53
CA ALA A 483 -54.71 46.08 -4.24
C ALA A 483 -54.67 44.94 -3.22
N LYS A 484 -55.10 43.74 -3.60
CA LYS A 484 -55.00 42.61 -2.71
C LYS A 484 -53.54 42.22 -2.59
N VAL B 5 -0.58 -9.95 10.75
CA VAL B 5 -0.45 -10.11 9.32
C VAL B 5 -0.51 -11.59 8.97
N GLN B 6 -1.17 -11.91 7.87
CA GLN B 6 -1.37 -13.30 7.49
C GLN B 6 -1.46 -13.39 5.97
N LEU B 7 -0.73 -14.34 5.40
CA LEU B 7 -0.76 -14.61 3.98
C LEU B 7 -1.16 -16.07 3.79
N VAL B 8 -2.11 -16.34 2.90
CA VAL B 8 -2.65 -17.68 2.72
C VAL B 8 -2.68 -18.01 1.24
N GLU B 9 -2.34 -19.25 0.91
CA GLU B 9 -2.33 -19.74 -0.47
C GLU B 9 -3.43 -20.77 -0.65
N SER B 10 -4.00 -20.80 -1.86
CA SER B 10 -4.94 -21.85 -2.21
C SER B 10 -4.97 -21.99 -3.73
N GLY B 11 -5.32 -23.18 -4.18
CA GLY B 11 -5.48 -23.44 -5.59
C GLY B 11 -4.46 -24.35 -6.23
N GLY B 12 -3.61 -25.00 -5.44
CA GLY B 12 -2.56 -25.85 -5.99
C GLY B 12 -2.97 -27.31 -6.04
N GLY B 13 -2.68 -27.96 -7.16
CA GLY B 13 -2.99 -29.37 -7.30
C GLY B 13 -2.48 -29.89 -8.63
N LEU B 14 -2.70 -31.19 -8.82
CA LEU B 14 -2.27 -31.86 -10.04
C LEU B 14 -2.99 -31.27 -11.25
N VAL B 15 -2.23 -30.96 -12.29
CA VAL B 15 -2.79 -30.45 -13.54
C VAL B 15 -2.14 -31.19 -14.70
N GLN B 16 -2.88 -31.30 -15.81
CA GLN B 16 -2.31 -31.88 -17.01
C GLN B 16 -1.34 -30.90 -17.66
N PRO B 17 -0.31 -31.38 -18.34
CA PRO B 17 0.59 -30.48 -19.05
C PRO B 17 -0.13 -29.76 -20.16
N GLY B 18 0.22 -28.48 -20.35
CA GLY B 18 -0.46 -27.66 -21.32
C GLY B 18 -1.79 -27.11 -20.85
N GLY B 19 -2.17 -27.35 -19.61
CA GLY B 19 -3.41 -26.84 -19.06
C GLY B 19 -3.24 -25.44 -18.47
N SER B 20 -4.19 -25.09 -17.61
CA SER B 20 -4.21 -23.79 -16.95
C SER B 20 -4.51 -23.99 -15.48
N LEU B 21 -4.05 -23.04 -14.66
CA LEU B 21 -4.30 -23.07 -13.23
C LEU B 21 -4.21 -21.66 -12.68
N ARG B 22 -5.00 -21.38 -11.64
CA ARG B 22 -5.06 -20.06 -11.04
C ARG B 22 -4.82 -20.16 -9.54
N LEU B 23 -3.85 -19.39 -9.05
CA LEU B 23 -3.47 -19.39 -7.65
C LEU B 23 -3.82 -18.04 -7.03
N SER B 24 -4.24 -18.06 -5.77
CA SER B 24 -4.68 -16.85 -5.08
C SER B 24 -3.93 -16.70 -3.77
N CYS B 25 -3.71 -15.45 -3.36
CA CYS B 25 -2.99 -15.13 -2.13
C CYS B 25 -3.83 -14.18 -1.30
N ALA B 26 -4.66 -14.73 -0.41
CA ALA B 26 -5.64 -13.95 0.34
C ALA B 26 -4.96 -13.25 1.51
N ALA B 27 -4.44 -12.06 1.26
CA ALA B 27 -3.76 -11.29 2.28
C ALA B 27 -4.76 -10.68 3.26
N SER B 28 -4.34 -10.57 4.52
CA SER B 28 -5.22 -10.05 5.55
C SER B 28 -4.38 -9.56 6.72
N GLY B 29 -4.87 -8.53 7.40
CA GLY B 29 -4.24 -8.01 8.60
C GLY B 29 -3.50 -6.71 8.42
N PHE B 30 -3.43 -6.19 7.20
CA PHE B 30 -2.68 -4.97 6.92
C PHE B 30 -3.39 -4.15 5.86
N ASN B 31 -2.88 -2.95 5.63
CA ASN B 31 -3.44 -2.06 4.61
C ASN B 31 -2.88 -2.45 3.25
N PHE B 32 -3.75 -2.96 2.37
CA PHE B 32 -3.29 -3.58 1.13
C PHE B 32 -2.60 -2.59 0.21
N SER B 33 -2.98 -1.32 0.24
CA SER B 33 -2.49 -0.39 -0.76
C SER B 33 -1.04 0.03 -0.53
N TYR B 34 -0.50 -0.20 0.66
CA TYR B 34 0.86 0.24 0.97
C TYR B 34 1.93 -0.80 0.61
N TYR B 35 1.54 -1.98 0.12
CA TYR B 35 2.48 -3.06 -0.07
C TYR B 35 2.24 -3.77 -1.39
N SER B 36 3.30 -4.39 -1.91
CA SER B 36 3.24 -5.22 -3.10
C SER B 36 3.18 -6.68 -2.70
N ILE B 37 2.94 -7.54 -3.67
CA ILE B 37 2.83 -8.97 -3.44
C ILE B 37 3.69 -9.69 -4.46
N HIS B 38 4.67 -10.46 -3.99
CA HIS B 38 5.58 -11.20 -4.85
C HIS B 38 5.26 -12.68 -4.80
N TRP B 39 5.57 -13.38 -5.88
CA TRP B 39 5.41 -14.82 -5.94
C TRP B 39 6.78 -15.46 -6.14
N VAL B 40 7.10 -16.44 -5.31
CA VAL B 40 8.40 -17.10 -5.33
C VAL B 40 8.19 -18.60 -5.50
N ARG B 41 8.99 -19.22 -6.36
CA ARG B 41 8.84 -20.62 -6.70
C ARG B 41 10.08 -21.39 -6.31
N GLN B 42 9.90 -22.53 -5.64
CA GLN B 42 11.02 -23.38 -5.27
C GLN B 42 10.82 -24.75 -5.89
N ALA B 43 11.71 -25.13 -6.81
CA ALA B 43 11.65 -26.44 -7.41
C ALA B 43 11.95 -27.51 -6.36
N PRO B 44 11.55 -28.76 -6.60
CA PRO B 44 11.79 -29.80 -5.59
C PRO B 44 13.28 -30.10 -5.46
N GLY B 45 13.86 -29.72 -4.33
CA GLY B 45 15.26 -29.95 -4.07
C GLY B 45 16.22 -28.92 -4.62
N LYS B 46 15.73 -27.73 -4.97
CA LYS B 46 16.56 -26.68 -5.53
C LYS B 46 16.45 -25.41 -4.70
N GLY B 47 17.04 -24.33 -5.20
CA GLY B 47 17.01 -23.05 -4.54
C GLY B 47 15.78 -22.25 -4.89
N LEU B 48 15.64 -21.12 -4.22
CA LEU B 48 14.51 -20.24 -4.46
C LEU B 48 14.64 -19.57 -5.83
N GLU B 49 13.49 -19.17 -6.38
CA GLU B 49 13.45 -18.54 -7.69
C GLU B 49 12.29 -17.57 -7.74
N TRP B 50 12.56 -16.35 -8.15
CA TRP B 50 11.53 -15.32 -8.23
C TRP B 50 10.71 -15.49 -9.51
N VAL B 51 9.43 -15.11 -9.44
CA VAL B 51 8.52 -15.33 -10.57
C VAL B 51 7.89 -14.02 -11.05
N ALA B 52 7.14 -13.35 -10.18
CA ALA B 52 6.42 -12.15 -10.59
C ALA B 52 6.00 -11.37 -9.35
N TYR B 53 5.58 -10.13 -9.56
CA TYR B 53 5.02 -9.35 -8.45
C TYR B 53 3.97 -8.40 -9.00
N ILE B 54 3.19 -7.83 -8.09
CA ILE B 54 2.23 -6.78 -8.43
C ILE B 54 2.15 -5.82 -7.26
N SER B 55 2.01 -4.53 -7.56
CA SER B 55 1.75 -3.53 -6.55
C SER B 55 0.25 -3.53 -6.25
N SER B 56 -0.25 -2.49 -5.60
CA SER B 56 -1.68 -2.41 -5.32
C SER B 56 -2.51 -2.36 -6.59
N SER B 57 -1.98 -1.80 -7.68
CA SER B 57 -2.71 -1.71 -8.94
C SER B 57 -1.98 -2.47 -10.04
N SER B 58 -2.51 -2.44 -11.25
CA SER B 58 -1.83 -3.03 -12.40
C SER B 58 -0.82 -2.08 -13.02
N SER B 59 -0.64 -0.89 -12.44
CA SER B 59 0.34 0.04 -12.96
C SER B 59 1.76 -0.52 -12.86
N TYR B 60 2.08 -1.14 -11.73
CA TYR B 60 3.40 -1.74 -11.51
C TYR B 60 3.25 -3.25 -11.53
N THR B 61 3.99 -3.91 -12.42
CA THR B 61 4.01 -5.35 -12.53
C THR B 61 5.18 -5.79 -13.40
N SER B 62 5.97 -6.75 -12.91
CA SER B 62 7.15 -7.21 -13.63
C SER B 62 7.14 -8.73 -13.65
N TYR B 63 8.04 -9.30 -14.46
CA TYR B 63 8.14 -10.75 -14.60
C TYR B 63 9.60 -11.16 -14.71
N ALA B 64 9.87 -12.41 -14.36
CA ALA B 64 11.16 -13.01 -14.60
C ALA B 64 11.22 -13.50 -16.04
N ASP B 65 12.45 -13.65 -16.55
CA ASP B 65 12.64 -13.96 -17.96
C ASP B 65 12.13 -15.35 -18.31
N SER B 66 12.13 -16.27 -17.35
CA SER B 66 11.76 -17.65 -17.64
C SER B 66 10.27 -17.85 -17.81
N VAL B 67 9.44 -16.94 -17.28
CA VAL B 67 7.99 -17.06 -17.40
C VAL B 67 7.36 -15.83 -18.02
N LYS B 68 8.14 -15.00 -18.70
CA LYS B 68 7.59 -13.84 -19.38
C LYS B 68 6.69 -14.30 -20.53
N GLY B 69 5.49 -13.76 -20.58
CA GLY B 69 4.57 -14.05 -21.65
C GLY B 69 3.71 -15.28 -21.48
N ARG B 70 3.87 -16.03 -20.38
CA ARG B 70 3.01 -17.17 -20.11
C ARG B 70 2.25 -17.07 -18.79
N PHE B 71 2.66 -16.21 -17.87
CA PHE B 71 1.99 -16.03 -16.60
C PHE B 71 1.43 -14.61 -16.54
N THR B 72 0.22 -14.47 -16.03
CA THR B 72 -0.41 -13.16 -15.84
C THR B 72 -0.84 -13.02 -14.40
N ILE B 73 -0.48 -11.91 -13.77
CA ILE B 73 -0.80 -11.64 -12.38
C ILE B 73 -1.69 -10.41 -12.32
N SER B 74 -2.74 -10.49 -11.49
CA SER B 74 -3.68 -9.40 -11.34
C SER B 74 -4.15 -9.35 -9.89
N ALA B 75 -4.46 -8.15 -9.41
CA ALA B 75 -4.78 -7.93 -8.01
C ALA B 75 -6.22 -7.46 -7.88
N ASP B 76 -6.85 -7.83 -6.77
CA ASP B 76 -8.23 -7.45 -6.44
C ASP B 76 -8.19 -6.71 -5.12
N THR B 77 -8.09 -5.38 -5.19
CA THR B 77 -7.92 -4.59 -3.98
C THR B 77 -9.16 -4.63 -3.10
N SER B 78 -10.33 -4.91 -3.69
CA SER B 78 -11.58 -4.85 -2.95
C SER B 78 -11.63 -5.88 -1.83
N LYS B 79 -11.21 -7.12 -2.12
CA LYS B 79 -11.22 -8.17 -1.11
C LYS B 79 -9.82 -8.69 -0.78
N ASN B 80 -8.78 -7.88 -1.02
CA ASN B 80 -7.41 -8.18 -0.60
C ASN B 80 -6.94 -9.52 -1.15
N THR B 81 -6.84 -9.61 -2.47
CA THR B 81 -6.47 -10.88 -3.10
C THR B 81 -5.67 -10.59 -4.36
N ALA B 82 -4.62 -11.39 -4.57
CA ALA B 82 -3.82 -11.34 -5.78
C ALA B 82 -3.80 -12.72 -6.43
N TYR B 83 -3.90 -12.74 -7.76
CA TYR B 83 -4.04 -13.96 -8.52
C TYR B 83 -2.88 -14.16 -9.47
N LEU B 84 -2.44 -15.41 -9.63
CA LEU B 84 -1.50 -15.78 -10.67
C LEU B 84 -2.19 -16.71 -11.64
N GLN B 85 -2.21 -16.35 -12.92
CA GLN B 85 -2.83 -17.15 -13.96
C GLN B 85 -1.73 -17.85 -14.74
N MET B 86 -1.65 -19.17 -14.59
CA MET B 86 -0.64 -19.98 -15.25
C MET B 86 -1.33 -20.78 -16.34
N ASN B 87 -0.85 -20.64 -17.57
CA ASN B 87 -1.39 -21.39 -18.70
C ASN B 87 -0.26 -21.85 -19.61
N SER B 88 -0.51 -22.96 -20.31
CA SER B 88 0.52 -23.64 -21.10
C SER B 88 1.69 -24.07 -20.23
N LEU B 89 1.39 -24.91 -19.23
CA LEU B 89 2.39 -25.38 -18.29
C LEU B 89 3.27 -26.44 -18.92
N ARG B 90 4.50 -26.57 -18.39
CA ARG B 90 5.45 -27.57 -18.82
C ARG B 90 5.75 -28.53 -17.68
N ALA B 91 6.62 -29.49 -17.95
CA ALA B 91 6.96 -30.48 -16.94
C ALA B 91 7.92 -29.92 -15.89
N GLU B 92 8.65 -28.85 -16.23
CA GLU B 92 9.61 -28.30 -15.29
C GLU B 92 8.95 -27.37 -14.29
N ASP B 93 7.65 -27.10 -14.44
CA ASP B 93 6.98 -26.14 -13.58
C ASP B 93 6.49 -26.74 -12.27
N THR B 94 6.71 -28.03 -12.04
CA THR B 94 6.34 -28.62 -10.75
C THR B 94 7.24 -28.06 -9.66
N ALA B 95 6.63 -27.48 -8.63
CA ALA B 95 7.37 -26.76 -7.60
C ALA B 95 6.42 -26.48 -6.44
N VAL B 96 6.89 -25.63 -5.52
CA VAL B 96 6.09 -25.10 -4.42
C VAL B 96 6.11 -23.59 -4.54
N TYR B 97 4.96 -22.95 -4.41
CA TYR B 97 4.83 -21.52 -4.65
C TYR B 97 4.53 -20.79 -3.35
N TYR B 98 5.35 -19.80 -3.02
CA TYR B 98 5.19 -18.98 -1.83
C TYR B 98 4.71 -17.60 -2.23
N CYS B 99 4.02 -16.93 -1.31
CA CYS B 99 3.58 -15.55 -1.47
C CYS B 99 4.30 -14.70 -0.43
N ALA B 100 4.96 -13.65 -0.88
CA ALA B 100 5.75 -12.81 0.01
C ALA B 100 5.31 -11.36 -0.14
N ARG B 101 5.58 -10.56 0.89
CA ARG B 101 5.14 -9.18 0.94
C ARG B 101 6.33 -8.24 1.02
N GLY B 102 6.27 -7.15 0.27
CA GLY B 102 7.35 -6.18 0.28
C GLY B 102 6.88 -4.75 0.26
N TYR B 103 7.76 -3.81 -0.08
CA TYR B 103 7.36 -2.42 -0.19
C TYR B 103 6.55 -2.20 -1.46
N GLN B 104 5.93 -1.03 -1.57
CA GLN B 104 5.13 -0.73 -2.75
C GLN B 104 5.99 -0.26 -3.91
N TYR B 105 6.72 0.83 -3.71
CA TYR B 105 7.68 1.34 -4.69
C TYR B 105 9.06 0.85 -4.27
N TRP B 106 9.42 -0.36 -4.66
CA TRP B 106 10.74 -0.87 -4.35
C TRP B 106 11.74 -0.73 -5.49
N GLN B 107 11.28 -0.51 -6.71
CA GLN B 107 12.20 -0.17 -7.79
C GLN B 107 12.76 1.22 -7.62
N TYR B 108 11.96 2.14 -7.10
CA TYR B 108 12.37 3.53 -6.91
C TYR B 108 13.36 3.68 -5.78
N HIS B 109 13.20 2.92 -4.69
CA HIS B 109 14.05 3.06 -3.51
C HIS B 109 15.40 2.40 -3.66
N ALA B 110 15.43 1.16 -4.17
CA ALA B 110 16.63 0.33 -4.11
C ALA B 110 17.81 1.03 -4.76
N SER B 111 18.93 1.04 -4.05
CA SER B 111 20.11 1.77 -4.49
C SER B 111 21.33 1.00 -4.00
N TRP B 112 22.48 1.65 -3.95
CA TRP B 112 23.68 0.97 -3.50
C TRP B 112 23.71 0.75 -1.99
N TYR B 113 22.76 1.30 -1.24
CA TYR B 113 22.80 1.21 0.22
C TYR B 113 21.47 0.80 0.85
N TRP B 114 20.44 0.50 0.07
CA TRP B 114 19.15 0.14 0.65
C TRP B 114 18.57 -1.07 -0.04
N ASN B 115 17.98 -1.97 0.75
CA ASN B 115 17.26 -3.12 0.22
C ASN B 115 16.37 -3.66 1.34
N GLY B 116 15.06 -3.60 1.14
CA GLY B 116 14.13 -3.80 2.25
C GLY B 116 13.70 -5.23 2.48
N GLY B 117 13.99 -6.13 1.56
CA GLY B 117 13.65 -7.53 1.75
C GLY B 117 12.17 -7.81 1.72
N LEU B 118 11.78 -9.09 1.74
CA LEU B 118 10.39 -9.50 1.74
C LEU B 118 10.02 -9.96 3.15
N ASP B 119 9.06 -9.26 3.76
CA ASP B 119 8.83 -9.39 5.20
C ASP B 119 8.18 -10.72 5.56
N TYR B 120 6.95 -10.94 5.11
CA TYR B 120 6.13 -12.06 5.56
C TYR B 120 5.87 -13.00 4.39
N TRP B 121 5.95 -14.29 4.66
CA TRP B 121 5.79 -15.33 3.65
C TRP B 121 4.57 -16.18 3.97
N GLY B 122 4.06 -16.84 2.94
CA GLY B 122 3.04 -17.83 3.11
C GLY B 122 3.67 -19.20 3.19
N GLN B 123 2.92 -20.23 3.59
CA GLN B 123 3.52 -21.55 3.70
C GLN B 123 3.61 -22.26 2.37
N GLY B 124 2.87 -21.81 1.37
CA GLY B 124 3.02 -22.34 0.03
C GLY B 124 2.15 -23.54 -0.25
N THR B 125 1.81 -23.71 -1.52
CA THR B 125 0.98 -24.81 -1.97
C THR B 125 1.67 -25.54 -3.12
N LEU B 126 1.60 -26.87 -3.09
CA LEU B 126 2.32 -27.71 -4.02
C LEU B 126 1.51 -27.94 -5.28
N VAL B 127 2.10 -27.66 -6.42
CA VAL B 127 1.50 -27.90 -7.73
C VAL B 127 2.39 -28.85 -8.52
N THR B 128 1.79 -29.91 -9.05
CA THR B 128 2.53 -30.93 -9.79
C THR B 128 1.87 -31.10 -11.16
N VAL B 129 2.70 -31.22 -12.19
CA VAL B 129 2.19 -31.42 -13.54
C VAL B 129 2.37 -32.88 -13.95
N SER B 130 1.28 -33.63 -13.97
CA SER B 130 1.36 -35.08 -14.12
C SER B 130 1.52 -35.46 -15.58
N SER B 131 1.80 -36.75 -15.81
CA SER B 131 1.78 -37.34 -17.14
C SER B 131 1.12 -38.71 -17.07
N ALA B 132 1.06 -39.27 -15.88
CA ALA B 132 0.52 -40.61 -15.65
C ALA B 132 -0.68 -40.52 -14.71
N SER B 133 -1.50 -41.57 -14.75
CA SER B 133 -2.68 -41.68 -13.91
C SER B 133 -2.34 -42.34 -12.59
N THR B 134 -3.14 -42.03 -11.57
CA THR B 134 -2.87 -42.53 -10.23
C THR B 134 -3.01 -44.05 -10.19
N LYS B 135 -2.11 -44.69 -9.44
CA LYS B 135 -2.06 -46.14 -9.36
C LYS B 135 -1.31 -46.52 -8.10
N GLY B 136 -1.41 -47.81 -7.73
CA GLY B 136 -0.78 -48.32 -6.54
C GLY B 136 0.61 -48.88 -6.81
N PRO B 137 1.40 -49.03 -5.76
CA PRO B 137 2.79 -49.45 -5.90
C PRO B 137 2.92 -50.97 -5.96
N SER B 138 4.12 -51.42 -6.30
CA SER B 138 4.51 -52.81 -6.25
C SER B 138 5.74 -52.97 -5.36
N VAL B 139 5.71 -53.96 -4.47
CA VAL B 139 6.75 -54.14 -3.48
C VAL B 139 7.55 -55.39 -3.82
N PHE B 140 8.88 -55.26 -3.76
CA PHE B 140 9.77 -56.35 -4.07
C PHE B 140 10.74 -56.54 -2.91
N PRO B 141 11.12 -57.77 -2.61
CA PRO B 141 12.05 -58.02 -1.49
C PRO B 141 13.51 -57.99 -1.93
N LEU B 142 14.32 -57.29 -1.14
CA LEU B 142 15.77 -57.23 -1.35
C LEU B 142 16.39 -58.16 -0.31
N ALA B 143 16.53 -59.42 -0.67
CA ALA B 143 16.99 -60.44 0.26
C ALA B 143 18.44 -60.19 0.67
N PRO B 144 18.77 -60.43 1.93
CA PRO B 144 20.18 -60.36 2.37
C PRO B 144 20.92 -61.62 1.97
N SER B 145 21.89 -61.47 1.07
CA SER B 145 22.62 -62.62 0.55
C SER B 145 23.34 -63.35 1.68
N SER B 146 23.45 -64.67 1.54
CA SER B 146 23.97 -65.51 2.62
C SER B 146 25.43 -65.22 2.96
N LYS B 147 26.16 -64.50 2.09
CA LYS B 147 27.57 -64.22 2.34
C LYS B 147 27.87 -62.75 2.59
N SER B 148 26.88 -61.85 2.51
CA SER B 148 27.13 -60.44 2.77
C SER B 148 27.19 -60.22 4.28
N THR B 149 28.41 -60.18 4.81
CA THR B 149 28.66 -59.98 6.24
C THR B 149 27.91 -60.99 7.10
N SER B 150 28.09 -62.27 6.79
CA SER B 150 27.45 -63.36 7.53
C SER B 150 28.20 -63.59 8.84
N GLY B 151 27.64 -63.06 9.92
CA GLY B 151 28.24 -63.20 11.23
C GLY B 151 28.24 -61.92 12.03
N GLY B 152 28.38 -60.79 11.34
CA GLY B 152 28.35 -59.49 11.98
C GLY B 152 27.06 -58.75 11.72
N THR B 153 27.16 -57.57 11.11
CA THR B 153 25.97 -56.82 10.71
C THR B 153 25.35 -57.47 9.48
N ALA B 154 24.14 -57.04 9.15
CA ALA B 154 23.45 -57.53 7.96
C ALA B 154 22.49 -56.47 7.48
N ALA B 155 22.28 -56.41 6.17
CA ALA B 155 21.38 -55.44 5.57
C ALA B 155 20.23 -56.15 4.88
N LEU B 156 19.01 -55.69 5.18
CA LEU B 156 17.81 -56.27 4.62
C LEU B 156 17.02 -55.14 3.98
N GLY B 157 16.56 -55.35 2.73
CA GLY B 157 15.99 -54.28 1.96
C GLY B 157 14.53 -54.53 1.64
N CYS B 158 13.92 -53.53 1.00
CA CYS B 158 12.51 -53.56 0.65
C CYS B 158 12.26 -52.50 -0.42
N LEU B 159 11.89 -52.93 -1.61
CA LEU B 159 11.84 -52.03 -2.77
C LEU B 159 10.40 -51.82 -3.19
N VAL B 160 9.97 -50.56 -3.25
CA VAL B 160 8.68 -50.18 -3.81
C VAL B 160 8.93 -49.46 -5.12
N LYS B 161 8.00 -49.58 -6.06
CA LYS B 161 8.26 -49.07 -7.39
C LYS B 161 6.95 -48.80 -8.11
N ASP B 162 6.97 -47.81 -9.00
CA ASP B 162 5.90 -47.54 -9.95
C ASP B 162 4.58 -47.22 -9.24
N TYR B 163 4.57 -46.09 -8.53
CA TYR B 163 3.35 -45.57 -7.95
C TYR B 163 3.21 -44.10 -8.29
N PHE B 164 2.00 -43.58 -8.08
CA PHE B 164 1.66 -42.18 -8.31
C PHE B 164 0.33 -41.90 -7.63
N PRO B 165 0.17 -40.75 -6.95
CA PRO B 165 1.11 -39.64 -6.73
C PRO B 165 2.10 -39.89 -5.60
N GLU B 166 2.68 -38.80 -5.08
CA GLU B 166 3.88 -38.93 -4.26
C GLU B 166 3.63 -39.66 -2.93
N PRO B 167 2.77 -39.19 -2.04
CA PRO B 167 2.86 -39.58 -0.63
C PRO B 167 2.75 -41.09 -0.43
N VAL B 168 3.65 -41.63 0.41
CA VAL B 168 3.67 -43.04 0.74
C VAL B 168 4.53 -43.19 1.99
N THR B 169 4.27 -44.24 2.76
CA THR B 169 5.07 -44.52 3.94
C THR B 169 5.32 -46.01 4.05
N VAL B 170 6.41 -46.36 4.72
CA VAL B 170 6.80 -47.74 4.91
C VAL B 170 7.02 -47.98 6.40
N SER B 171 6.61 -49.16 6.85
CA SER B 171 6.67 -49.51 8.27
C SER B 171 7.23 -50.91 8.41
N TRP B 172 8.11 -51.11 9.38
CA TRP B 172 8.80 -52.38 9.56
C TRP B 172 8.33 -53.05 10.85
N ASN B 173 7.80 -54.27 10.72
CA ASN B 173 7.24 -55.02 11.83
C ASN B 173 6.16 -54.22 12.56
N SER B 174 5.38 -53.48 11.76
CA SER B 174 4.25 -52.69 12.23
C SER B 174 4.65 -51.80 13.42
N GLY B 175 5.68 -50.99 13.20
CA GLY B 175 6.08 -49.99 14.17
C GLY B 175 6.88 -50.51 15.33
N ALA B 176 7.23 -51.80 15.31
CA ALA B 176 7.99 -52.39 16.41
C ALA B 176 9.50 -52.29 16.21
N LEU B 177 9.96 -51.77 15.08
CA LEU B 177 11.39 -51.76 14.77
C LEU B 177 11.78 -50.40 14.24
N THR B 178 12.79 -49.79 14.87
CA THR B 178 13.36 -48.56 14.35
C THR B 178 14.88 -48.52 14.59
N SER B 179 15.53 -49.67 14.65
CA SER B 179 16.97 -49.75 14.85
C SER B 179 17.65 -49.56 13.50
N GLY B 180 18.07 -48.34 13.20
CA GLY B 180 18.76 -48.08 11.95
C GLY B 180 17.90 -48.31 10.72
N VAL B 181 16.68 -47.80 10.73
CA VAL B 181 15.81 -47.88 9.56
C VAL B 181 15.97 -46.62 8.73
N HIS B 182 16.45 -46.77 7.50
CA HIS B 182 16.57 -45.66 6.56
C HIS B 182 15.55 -45.83 5.46
N THR B 183 14.88 -44.73 5.10
CA THR B 183 13.95 -44.72 3.98
C THR B 183 14.32 -43.56 3.08
N PHE B 184 14.97 -43.86 1.97
CA PHE B 184 15.53 -42.84 1.09
C PHE B 184 14.42 -42.09 0.36
N PRO B 185 14.67 -40.83 0.02
CA PRO B 185 13.64 -40.03 -0.66
C PRO B 185 13.23 -40.64 -1.99
N ALA B 186 11.98 -40.40 -2.38
CA ALA B 186 11.47 -40.91 -3.64
C ALA B 186 12.07 -40.16 -4.82
N VAL B 187 12.54 -40.91 -5.81
CA VAL B 187 13.21 -40.36 -6.97
C VAL B 187 12.32 -40.56 -8.19
N LEU B 188 12.20 -39.52 -9.01
CA LEU B 188 11.28 -39.52 -10.14
C LEU B 188 11.86 -40.34 -11.29
N GLN B 189 11.21 -41.44 -11.63
CA GLN B 189 11.67 -42.29 -12.71
C GLN B 189 11.56 -41.56 -14.05
N SER B 190 12.28 -42.08 -15.05
CA SER B 190 12.20 -41.48 -16.38
C SER B 190 10.83 -41.71 -17.02
N SER B 191 10.10 -42.71 -16.54
CA SER B 191 8.78 -43.05 -17.08
C SER B 191 7.66 -42.25 -16.45
N GLY B 192 7.98 -41.25 -15.63
CA GLY B 192 6.96 -40.46 -14.97
C GLY B 192 6.40 -41.08 -13.71
N LEU B 193 6.98 -42.16 -13.22
CA LEU B 193 6.53 -42.83 -12.02
C LEU B 193 7.53 -42.56 -10.89
N TYR B 194 7.30 -43.19 -9.74
CA TYR B 194 8.09 -42.94 -8.55
C TYR B 194 8.66 -44.23 -8.01
N SER B 195 9.83 -44.15 -7.38
CA SER B 195 10.48 -45.28 -6.74
C SER B 195 10.99 -44.88 -5.38
N LEU B 196 11.33 -45.88 -4.57
CA LEU B 196 11.79 -45.67 -3.20
C LEU B 196 12.30 -47.01 -2.68
N SER B 197 13.08 -46.96 -1.61
CA SER B 197 13.51 -48.18 -0.94
C SER B 197 13.83 -47.86 0.50
N SER B 198 13.67 -48.86 1.37
CA SER B 198 14.00 -48.73 2.77
C SER B 198 14.70 -49.99 3.24
N VAL B 199 15.70 -49.82 4.11
CA VAL B 199 16.55 -50.93 4.53
C VAL B 199 16.72 -50.87 6.04
N VAL B 200 17.13 -51.99 6.63
CA VAL B 200 17.41 -52.09 8.05
C VAL B 200 18.77 -52.74 8.23
N THR B 201 19.53 -52.25 9.19
CA THR B 201 20.84 -52.81 9.51
C THR B 201 20.71 -53.80 10.68
N VAL B 202 19.87 -54.81 10.46
CA VAL B 202 19.59 -55.86 11.43
C VAL B 202 20.81 -56.76 11.63
N PRO B 203 21.10 -57.19 12.86
CA PRO B 203 22.26 -58.08 13.08
C PRO B 203 22.03 -59.50 12.60
N SER B 204 23.09 -60.30 12.66
CA SER B 204 23.15 -61.62 12.04
C SER B 204 22.46 -62.65 12.94
N SER B 205 22.77 -63.93 12.68
CA SER B 205 22.19 -65.07 13.41
C SER B 205 20.72 -65.28 13.06
N SER B 206 20.44 -65.45 11.78
CA SER B 206 19.09 -65.72 11.26
C SER B 206 18.15 -64.54 11.46
N LEU B 207 18.73 -63.38 11.69
CA LEU B 207 18.01 -62.11 11.82
C LEU B 207 17.03 -62.13 12.99
N GLY B 208 17.31 -62.94 14.00
CA GLY B 208 16.35 -63.17 15.06
C GLY B 208 15.30 -64.20 14.73
N THR B 209 15.44 -64.87 13.58
CA THR B 209 14.47 -65.83 13.03
C THR B 209 13.03 -65.42 13.29
N GLN B 210 12.74 -64.13 13.03
CA GLN B 210 11.39 -63.68 12.81
C GLN B 210 11.32 -63.13 11.40
N THR B 211 10.27 -63.48 10.66
CA THR B 211 10.16 -63.02 9.29
C THR B 211 9.79 -61.54 9.26
N TYR B 212 10.75 -60.70 8.90
CA TYR B 212 10.49 -59.26 8.84
C TYR B 212 9.49 -58.97 7.74
N ILE B 213 8.68 -57.94 7.95
CA ILE B 213 7.60 -57.61 7.03
C ILE B 213 7.72 -56.15 6.61
N CYS B 214 7.15 -55.84 5.45
CA CYS B 214 7.11 -54.49 4.92
C CYS B 214 5.66 -54.01 4.97
N ASN B 215 5.44 -52.86 5.60
CA ASN B 215 4.10 -52.30 5.71
C ASN B 215 4.05 -50.96 4.99
N VAL B 216 3.55 -50.98 3.75
CA VAL B 216 3.51 -49.80 2.90
C VAL B 216 2.05 -49.40 2.68
N ASN B 217 1.80 -48.10 2.82
CA ASN B 217 0.45 -47.57 2.70
C ASN B 217 0.46 -46.47 1.66
N HIS B 218 -0.39 -46.60 0.64
CA HIS B 218 -0.52 -45.60 -0.41
C HIS B 218 -1.98 -45.18 -0.40
N LYS B 219 -2.26 -44.02 0.19
CA LYS B 219 -3.63 -43.60 0.46
C LYS B 219 -4.49 -43.40 -0.78
N PRO B 220 -4.05 -42.68 -1.84
CA PRO B 220 -4.95 -42.43 -2.98
C PRO B 220 -5.54 -43.69 -3.58
N SER B 221 -4.74 -44.75 -3.66
CA SER B 221 -5.26 -46.04 -4.10
C SER B 221 -5.56 -46.98 -2.94
N ASN B 222 -5.51 -46.47 -1.71
CA ASN B 222 -5.84 -47.21 -0.48
C ASN B 222 -5.28 -48.63 -0.50
N THR B 223 -3.95 -48.71 -0.62
CA THR B 223 -3.26 -49.99 -0.65
C THR B 223 -2.35 -50.12 0.57
N LYS B 224 -2.46 -51.23 1.29
CA LYS B 224 -1.65 -51.50 2.47
C LYS B 224 -1.02 -52.88 2.39
N VAL B 225 -0.42 -53.19 1.24
CA VAL B 225 0.14 -54.52 1.00
C VAL B 225 1.32 -54.78 1.92
N ASP B 226 1.51 -56.05 2.28
CA ASP B 226 2.60 -56.47 3.14
C ASP B 226 3.40 -57.56 2.44
N LYS B 227 4.73 -57.38 2.42
CA LYS B 227 5.64 -58.37 1.88
C LYS B 227 6.52 -58.94 3.00
N LYS B 228 6.67 -60.27 2.99
CA LYS B 228 7.43 -60.98 4.01
C LYS B 228 8.79 -61.32 3.44
N VAL B 229 9.81 -60.59 3.85
CA VAL B 229 11.13 -60.68 3.23
C VAL B 229 11.97 -61.71 3.95
N GLU B 230 12.68 -62.53 3.17
CA GLU B 230 13.63 -63.48 3.73
C GLU B 230 14.69 -63.80 2.68
N PRO B 231 15.89 -64.20 3.09
CA PRO B 231 16.93 -64.56 2.13
C PRO B 231 16.71 -65.97 1.58
N LYS B 232 17.68 -66.42 0.78
CA LYS B 232 17.62 -67.76 0.20
C LYS B 232 19.00 -68.39 0.18
N MET C 5 23.99 -14.72 -8.58
CA MET C 5 25.09 -14.57 -7.64
C MET C 5 25.61 -15.94 -7.24
N THR C 6 26.91 -16.04 -7.02
CA THR C 6 27.51 -17.29 -6.60
C THR C 6 28.17 -17.08 -5.24
N GLN C 7 27.61 -17.70 -4.21
CA GLN C 7 28.20 -17.69 -2.88
C GLN C 7 29.37 -18.64 -2.88
N SER C 8 30.54 -18.16 -2.44
CA SER C 8 31.77 -18.93 -2.60
C SER C 8 31.74 -20.26 -1.86
N PRO C 9 31.42 -20.34 -0.54
CA PRO C 9 31.31 -21.65 0.09
C PRO C 9 29.93 -22.23 -0.11
N SER C 10 29.87 -23.39 -0.78
CA SER C 10 28.58 -24.02 -1.04
C SER C 10 28.19 -25.04 0.02
N SER C 11 29.07 -25.31 0.98
CA SER C 11 28.73 -26.15 2.13
C SER C 11 29.75 -25.95 3.22
N LEU C 12 29.30 -25.51 4.39
CA LEU C 12 30.15 -25.26 5.53
C LEU C 12 30.09 -26.45 6.48
N SER C 13 31.21 -26.72 7.14
CA SER C 13 31.28 -27.76 8.16
C SER C 13 31.78 -27.11 9.44
N ALA C 14 30.87 -26.82 10.37
CA ALA C 14 31.22 -26.15 11.60
C ALA C 14 30.49 -26.80 12.77
N SER C 15 31.14 -26.81 13.92
CA SER C 15 30.58 -27.38 15.13
C SER C 15 30.15 -26.25 16.07
N VAL C 16 29.42 -26.62 17.12
CA VAL C 16 28.77 -25.64 17.98
C VAL C 16 29.80 -24.75 18.65
N GLY C 17 29.64 -23.44 18.51
CA GLY C 17 30.48 -22.49 19.19
C GLY C 17 31.56 -21.83 18.35
N ASP C 18 31.70 -22.20 17.08
CA ASP C 18 32.69 -21.60 16.21
C ASP C 18 32.09 -20.42 15.46
N ARG C 19 32.96 -19.51 15.04
CA ARG C 19 32.54 -18.39 14.20
C ARG C 19 32.49 -18.84 12.75
N VAL C 20 31.41 -18.50 12.06
CA VAL C 20 31.16 -18.97 10.70
C VAL C 20 30.92 -17.77 9.81
N THR C 21 31.45 -17.81 8.59
CA THR C 21 31.28 -16.74 7.62
C THR C 21 30.82 -17.29 6.28
N ILE C 22 29.84 -16.62 5.69
CA ILE C 22 29.34 -16.92 4.35
C ILE C 22 29.52 -15.66 3.51
N THR C 23 30.05 -15.81 2.30
CA THR C 23 30.30 -14.67 1.45
C THR C 23 29.47 -14.74 0.18
N CYS C 24 29.06 -13.57 -0.31
CA CYS C 24 28.20 -13.44 -1.47
C CYS C 24 28.94 -12.63 -2.52
N ARG C 25 29.01 -13.14 -3.74
CA ARG C 25 29.72 -12.48 -4.83
C ARG C 25 28.71 -11.78 -5.72
N ALA C 26 28.80 -10.44 -5.78
CA ALA C 26 27.89 -9.64 -6.61
C ALA C 26 28.48 -9.58 -8.02
N SER C 27 28.23 -10.63 -8.80
CA SER C 27 28.91 -10.85 -10.07
C SER C 27 28.34 -9.93 -11.16
N GLN C 28 28.32 -8.64 -10.86
CA GLN C 28 27.87 -7.61 -11.79
C GLN C 28 28.09 -6.27 -11.10
N SER C 29 28.07 -5.21 -11.90
CA SER C 29 28.06 -3.84 -11.35
C SER C 29 26.63 -3.38 -11.10
N VAL C 30 25.87 -4.24 -10.41
CA VAL C 30 24.47 -3.99 -10.08
C VAL C 30 24.31 -4.14 -8.57
N SER C 31 25.41 -3.90 -7.84
CA SER C 31 25.41 -4.01 -6.39
C SER C 31 24.26 -3.23 -5.78
N SER C 32 23.40 -3.92 -5.02
CA SER C 32 22.25 -3.30 -4.42
C SER C 32 22.01 -3.77 -2.99
N ALA C 33 23.08 -3.98 -2.22
CA ALA C 33 22.98 -4.17 -0.78
C ALA C 33 22.10 -5.38 -0.43
N VAL C 34 22.66 -6.56 -0.68
CA VAL C 34 21.95 -7.83 -0.51
C VAL C 34 21.27 -7.94 0.85
N ALA C 35 20.19 -8.71 0.92
CA ALA C 35 19.54 -9.08 2.17
C ALA C 35 19.60 -10.59 2.33
N TRP C 36 19.87 -11.06 3.54
CA TRP C 36 20.16 -12.46 3.78
C TRP C 36 18.96 -13.18 4.39
N TYR C 37 18.69 -14.39 3.92
CA TYR C 37 17.55 -15.19 4.33
C TYR C 37 18.02 -16.50 4.94
N GLN C 38 17.11 -17.18 5.64
CA GLN C 38 17.38 -18.49 6.21
C GLN C 38 16.19 -19.40 5.95
N GLN C 39 16.45 -20.67 5.65
CA GLN C 39 15.38 -21.63 5.40
C GLN C 39 15.70 -22.97 6.03
N LYS C 40 14.85 -23.42 6.95
CA LYS C 40 14.93 -24.78 7.42
C LYS C 40 14.33 -25.72 6.38
N PRO C 41 14.71 -26.99 6.39
CA PRO C 41 14.18 -27.92 5.38
C PRO C 41 12.68 -28.12 5.52
N GLY C 42 11.94 -27.65 4.52
CA GLY C 42 10.50 -27.82 4.49
C GLY C 42 9.68 -26.72 5.13
N LYS C 43 10.27 -25.54 5.33
CA LYS C 43 9.57 -24.39 5.89
C LYS C 43 9.66 -23.23 4.92
N ALA C 44 9.01 -22.13 5.27
CA ALA C 44 9.15 -20.91 4.51
C ALA C 44 10.42 -20.17 4.94
N PRO C 45 11.06 -19.43 4.04
CA PRO C 45 12.25 -18.66 4.40
C PRO C 45 11.91 -17.53 5.35
N LYS C 46 12.95 -17.04 6.02
CA LYS C 46 12.81 -15.91 6.94
C LYS C 46 13.72 -14.78 6.49
N LEU C 47 13.67 -13.65 7.18
CA LEU C 47 14.58 -12.54 6.88
C LEU C 47 15.44 -12.32 8.11
N LEU C 48 16.76 -12.20 7.90
CA LEU C 48 17.67 -11.95 9.00
C LEU C 48 18.27 -10.55 8.95
N ILE C 49 18.89 -10.19 7.84
CA ILE C 49 19.59 -8.92 7.69
C ILE C 49 19.12 -8.28 6.40
N TYR C 50 18.62 -7.06 6.49
CA TYR C 50 18.25 -6.29 5.31
C TYR C 50 19.21 -5.10 5.18
N SER C 51 19.20 -4.48 4.02
CA SER C 51 20.05 -3.33 3.74
C SER C 51 21.53 -3.62 3.93
N ALA C 52 21.91 -4.89 3.95
CA ALA C 52 23.27 -5.39 3.96
C ALA C 52 24.00 -5.23 5.28
N SER C 53 23.45 -4.45 6.22
CA SER C 53 24.06 -4.34 7.54
C SER C 53 23.09 -4.33 8.71
N SER C 54 21.83 -3.96 8.52
CA SER C 54 20.90 -3.81 9.63
C SER C 54 20.22 -5.13 9.93
N LEU C 55 19.66 -5.21 11.13
CA LEU C 55 19.13 -6.46 11.67
C LEU C 55 17.61 -6.43 11.71
N TYR C 56 16.98 -7.50 11.26
CA TYR C 56 15.53 -7.60 11.32
C TYR C 56 15.07 -7.60 12.78
N SER C 57 13.87 -7.10 13.01
CA SER C 57 13.36 -6.91 14.37
C SER C 57 12.96 -8.26 14.95
N GLY C 58 13.74 -8.76 15.90
CA GLY C 58 13.43 -10.02 16.55
C GLY C 58 14.36 -11.14 16.14
N VAL C 59 15.61 -10.79 15.87
CA VAL C 59 16.64 -11.76 15.47
C VAL C 59 17.78 -11.64 16.46
N PRO C 60 18.34 -12.75 16.97
CA PRO C 60 19.41 -12.65 17.96
C PRO C 60 20.61 -11.90 17.41
N SER C 61 21.31 -11.20 18.28
CA SER C 61 22.40 -10.39 17.78
C SER C 61 23.63 -11.19 17.39
N ARG C 62 23.57 -12.53 17.30
CA ARG C 62 24.69 -13.29 16.77
C ARG C 62 24.96 -12.94 15.32
N PHE C 63 23.90 -12.91 14.52
CA PHE C 63 24.03 -12.62 13.09
C PHE C 63 24.41 -11.16 12.90
N SER C 64 25.29 -10.91 11.93
CA SER C 64 25.68 -9.54 11.61
C SER C 64 26.33 -9.51 10.24
N GLY C 65 25.74 -8.75 9.32
CA GLY C 65 26.26 -8.62 7.98
C GLY C 65 27.43 -7.65 7.92
N SER C 66 27.94 -7.47 6.70
CA SER C 66 29.05 -6.56 6.47
C SER C 66 29.14 -6.29 4.98
N ARG C 67 30.21 -5.62 4.57
CA ARG C 67 30.45 -5.35 3.16
C ARG C 67 31.93 -5.11 2.96
N SER C 68 32.62 -6.08 2.36
CA SER C 68 34.06 -6.01 2.14
C SER C 68 34.31 -5.62 0.68
N GLY C 69 34.48 -4.32 0.44
CA GLY C 69 34.63 -3.84 -0.91
C GLY C 69 33.37 -4.07 -1.72
N THR C 70 33.42 -5.01 -2.67
CA THR C 70 32.26 -5.39 -3.46
C THR C 70 31.74 -6.78 -3.09
N ASP C 71 32.06 -7.24 -1.89
CA ASP C 71 31.61 -8.53 -1.41
C ASP C 71 30.80 -8.34 -0.13
N PHE C 72 29.77 -9.16 0.04
CA PHE C 72 28.91 -9.10 1.20
C PHE C 72 29.06 -10.40 1.99
N THR C 73 29.30 -10.28 3.30
CA THR C 73 29.52 -11.43 4.15
C THR C 73 28.52 -11.45 5.28
N LEU C 74 28.09 -12.64 5.67
CA LEU C 74 27.33 -12.87 6.89
C LEU C 74 28.19 -13.65 7.86
N THR C 75 28.38 -13.12 9.06
CA THR C 75 29.16 -13.78 10.08
C THR C 75 28.30 -14.05 11.30
N ILE C 76 28.38 -15.26 11.82
CA ILE C 76 27.64 -15.68 13.00
C ILE C 76 28.61 -15.73 14.17
N SER C 77 28.28 -15.01 15.24
CA SER C 77 29.21 -14.85 16.35
C SER C 77 29.51 -16.20 17.00
N SER C 78 28.48 -16.97 17.32
CA SER C 78 28.62 -18.30 17.90
C SER C 78 27.51 -19.18 17.36
N LEU C 79 27.87 -20.35 16.86
CA LEU C 79 26.94 -21.22 16.15
C LEU C 79 26.22 -22.12 17.17
N GLN C 80 24.96 -21.81 17.43
CA GLN C 80 24.10 -22.57 18.33
C GLN C 80 23.48 -23.76 17.61
N PRO C 81 22.95 -24.75 18.33
CA PRO C 81 22.38 -25.92 17.66
C PRO C 81 21.09 -25.64 16.90
N GLU C 82 20.64 -24.39 16.86
CA GLU C 82 19.48 -24.02 16.06
C GLU C 82 19.84 -23.34 14.75
N ASP C 83 21.12 -23.02 14.54
CA ASP C 83 21.58 -22.34 13.34
C ASP C 83 22.18 -23.34 12.36
N PHE C 84 21.35 -24.27 11.90
CA PHE C 84 21.78 -25.28 10.94
C PHE C 84 20.72 -25.32 9.83
N ALA C 85 20.92 -24.50 8.81
CA ALA C 85 19.94 -24.32 7.75
C ALA C 85 20.66 -23.82 6.50
N THR C 86 19.90 -23.32 5.54
CA THR C 86 20.44 -22.82 4.28
C THR C 86 20.25 -21.32 4.22
N TYR C 87 21.27 -20.61 3.72
CA TYR C 87 21.29 -19.15 3.71
C TYR C 87 21.40 -18.64 2.27
N TYR C 88 20.57 -17.64 1.95
CA TYR C 88 20.46 -17.10 0.60
C TYR C 88 20.76 -15.60 0.59
N CYS C 89 21.11 -15.10 -0.59
CA CYS C 89 21.21 -13.67 -0.85
C CYS C 89 19.96 -13.22 -1.59
N GLN C 90 19.76 -11.92 -1.67
CA GLN C 90 18.61 -11.39 -2.42
C GLN C 90 19.01 -10.10 -3.12
N GLN C 91 20.11 -10.14 -3.86
CA GLN C 91 20.51 -9.02 -4.69
C GLN C 91 19.40 -8.65 -5.67
N SER C 92 19.09 -7.37 -5.78
CA SER C 92 18.08 -6.89 -6.72
C SER C 92 18.74 -6.31 -7.95
N SER C 93 17.91 -5.97 -8.95
CA SER C 93 18.40 -5.48 -10.22
C SER C 93 17.48 -4.37 -10.69
N SER C 94 17.54 -4.05 -11.99
CA SER C 94 16.77 -2.93 -12.53
C SER C 94 15.27 -3.13 -12.33
N SER C 95 14.76 -4.32 -12.63
CA SER C 95 13.35 -4.60 -12.41
C SER C 95 13.07 -6.00 -11.89
N LEU C 96 14.10 -6.82 -11.63
CA LEU C 96 13.91 -8.16 -11.12
C LEU C 96 14.89 -8.39 -9.98
N ILE C 97 14.52 -9.30 -9.09
CA ILE C 97 15.34 -9.63 -7.94
C ILE C 97 15.83 -11.06 -8.11
N THR C 98 17.05 -11.33 -7.65
CA THR C 98 17.69 -12.61 -7.86
C THR C 98 18.10 -13.21 -6.52
N PHE C 99 17.97 -14.52 -6.42
CA PHE C 99 18.33 -15.27 -5.22
C PHE C 99 19.57 -16.08 -5.49
N GLY C 100 20.52 -16.04 -4.56
CA GLY C 100 21.76 -16.77 -4.72
C GLY C 100 21.55 -18.26 -4.67
N GLN C 101 22.63 -18.99 -4.94
CA GLN C 101 22.55 -20.44 -4.99
C GLN C 101 22.30 -21.05 -3.62
N GLY C 102 22.69 -20.38 -2.54
CA GLY C 102 22.43 -20.88 -1.22
C GLY C 102 23.48 -21.84 -0.72
N THR C 103 23.93 -21.63 0.52
CA THR C 103 24.91 -22.50 1.16
C THR C 103 24.25 -23.23 2.33
N LYS C 104 24.62 -24.48 2.52
CA LYS C 104 24.06 -25.32 3.56
C LYS C 104 25.08 -25.55 4.65
N VAL C 105 24.74 -25.19 5.88
CA VAL C 105 25.61 -25.35 7.04
C VAL C 105 25.28 -26.68 7.70
N GLU C 106 26.29 -27.53 7.82
CA GLU C 106 26.13 -28.85 8.40
C GLU C 106 27.03 -28.99 9.62
N ILE C 107 26.67 -29.90 10.51
CA ILE C 107 27.45 -30.04 11.75
C ILE C 107 28.72 -30.82 11.47
N LYS C 108 29.83 -30.31 11.98
CA LYS C 108 31.11 -30.99 11.84
C LYS C 108 31.01 -32.34 12.52
N ARG C 109 33.30 -33.95 13.19
CA ARG C 109 32.87 -35.33 13.24
C ARG C 109 33.99 -36.18 12.65
N THR C 110 34.30 -37.27 13.35
CA THR C 110 35.36 -38.15 12.92
C THR C 110 34.98 -38.83 11.60
N VAL C 111 35.91 -38.81 10.64
CA VAL C 111 35.64 -39.39 9.34
C VAL C 111 35.32 -40.88 9.49
N ALA C 112 34.31 -41.33 8.73
CA ALA C 112 33.89 -42.72 8.78
C ALA C 112 33.90 -43.29 7.37
N ALA C 113 34.31 -44.51 7.25
CA ALA C 113 34.29 -45.20 5.98
C ALA C 113 32.97 -45.93 5.78
N PRO C 114 32.44 -45.95 4.56
CA PRO C 114 31.14 -46.58 4.32
C PRO C 114 31.25 -48.10 4.30
N SER C 115 30.14 -48.75 4.64
CA SER C 115 29.98 -50.19 4.51
C SER C 115 29.10 -50.46 3.29
N VAL C 116 29.54 -51.39 2.44
CA VAL C 116 28.93 -51.59 1.13
C VAL C 116 28.25 -52.94 1.08
N PHE C 117 27.02 -52.95 0.56
CA PHE C 117 26.27 -54.17 0.33
C PHE C 117 25.73 -54.14 -1.10
N ILE C 118 25.45 -55.32 -1.64
CA ILE C 118 24.86 -55.45 -2.96
C ILE C 118 23.71 -56.45 -2.88
N PHE C 119 22.58 -56.12 -3.51
CA PHE C 119 21.40 -56.97 -3.48
C PHE C 119 21.01 -57.39 -4.89
N PRO C 120 20.88 -58.69 -5.14
CA PRO C 120 20.48 -59.16 -6.46
C PRO C 120 19.04 -58.79 -6.77
N PRO C 121 18.63 -58.82 -8.03
CA PRO C 121 17.22 -58.52 -8.35
C PRO C 121 16.30 -59.59 -7.77
N SER C 122 15.15 -59.14 -7.28
CA SER C 122 14.18 -60.06 -6.70
C SER C 122 13.62 -61.00 -7.76
N ASP C 123 13.37 -62.25 -7.37
CA ASP C 123 12.87 -63.23 -8.33
C ASP C 123 11.49 -62.86 -8.83
N SER C 124 10.63 -62.32 -7.95
CA SER C 124 9.28 -61.93 -8.35
C SER C 124 9.32 -60.86 -9.44
N GLN C 125 10.34 -60.00 -9.41
CA GLN C 125 10.44 -58.93 -10.39
C GLN C 125 10.70 -59.47 -11.79
N LEU C 126 11.34 -60.64 -11.89
CA LEU C 126 11.66 -61.19 -13.20
C LEU C 126 10.40 -61.48 -14.02
N LYS C 127 9.28 -61.76 -13.35
CA LYS C 127 8.03 -61.96 -14.05
C LYS C 127 7.52 -60.65 -14.64
N SER C 128 7.80 -59.52 -13.98
CA SER C 128 7.34 -58.22 -14.48
C SER C 128 8.02 -57.87 -15.81
N GLY C 129 9.33 -58.12 -15.91
CA GLY C 129 10.06 -57.89 -17.15
C GLY C 129 11.11 -56.79 -17.09
N THR C 130 11.31 -56.13 -15.96
CA THR C 130 12.33 -55.07 -15.83
C THR C 130 13.07 -55.32 -14.52
N ALA C 131 14.30 -55.80 -14.62
CA ALA C 131 15.09 -56.12 -13.43
C ALA C 131 15.88 -54.91 -12.95
N SER C 132 15.93 -54.74 -11.63
CA SER C 132 16.69 -53.67 -10.99
C SER C 132 17.59 -54.25 -9.90
N VAL C 133 18.82 -53.76 -9.85
CA VAL C 133 19.78 -54.14 -8.83
C VAL C 133 20.21 -52.87 -8.09
N VAL C 134 20.67 -53.05 -6.85
CA VAL C 134 20.99 -51.91 -6.00
C VAL C 134 22.14 -52.28 -5.08
N CYS C 135 23.08 -51.34 -4.94
CA CYS C 135 24.15 -51.46 -3.95
C CYS C 135 24.06 -50.27 -3.01
N LEU C 136 24.31 -50.53 -1.73
CA LEU C 136 23.98 -49.59 -0.68
C LEU C 136 25.22 -49.19 0.10
N LEU C 137 25.35 -47.89 0.34
CA LEU C 137 26.40 -47.32 1.16
C LEU C 137 25.80 -46.92 2.49
N ASN C 138 26.43 -47.33 3.58
CA ASN C 138 25.81 -47.19 4.89
C ASN C 138 26.74 -46.49 5.87
N ASN C 139 26.22 -45.43 6.48
CA ASN C 139 26.80 -44.83 7.68
C ASN C 139 28.23 -44.31 7.43
N PHE C 140 28.33 -43.30 6.57
CA PHE C 140 29.62 -42.70 6.26
C PHE C 140 29.58 -41.20 6.52
N TYR C 141 30.72 -40.54 6.31
CA TYR C 141 30.87 -39.10 6.48
C TYR C 141 32.22 -38.67 5.92
N PRO C 142 32.32 -37.54 5.21
CA PRO C 142 31.26 -36.60 4.80
C PRO C 142 30.44 -37.09 3.62
N ARG C 143 29.59 -36.22 3.06
CA ARG C 143 28.67 -36.65 2.02
C ARG C 143 29.40 -37.13 0.77
N GLU C 144 30.50 -36.46 0.41
CA GLU C 144 31.13 -36.69 -0.89
C GLU C 144 31.60 -38.12 -1.06
N ALA C 145 30.95 -38.85 -1.97
CA ALA C 145 31.32 -40.21 -2.31
C ALA C 145 30.88 -40.47 -3.74
N LYS C 146 31.50 -41.47 -4.37
CA LYS C 146 31.29 -41.72 -5.78
C LYS C 146 31.14 -43.22 -6.01
N VAL C 147 30.03 -43.62 -6.63
CA VAL C 147 29.78 -45.02 -6.91
C VAL C 147 29.88 -45.24 -8.42
N GLN C 148 30.49 -46.36 -8.80
CA GLN C 148 30.71 -46.69 -10.20
C GLN C 148 30.17 -48.08 -10.47
N TRP C 149 29.39 -48.20 -11.55
CA TRP C 149 28.77 -49.46 -11.94
C TRP C 149 29.54 -50.08 -13.09
N LYS C 150 29.92 -51.35 -12.90
CA LYS C 150 30.64 -52.10 -13.93
C LYS C 150 29.96 -53.45 -14.10
N VAL C 151 29.65 -53.82 -15.34
CA VAL C 151 29.06 -55.11 -15.64
C VAL C 151 30.02 -55.83 -16.58
N ASP C 152 30.63 -56.91 -16.11
CA ASP C 152 31.66 -57.64 -16.85
C ASP C 152 32.77 -56.70 -17.29
N ASN C 153 33.19 -55.83 -16.37
CA ASN C 153 34.25 -54.85 -16.51
C ASN C 153 33.90 -53.76 -17.53
N ALA C 154 32.72 -53.79 -18.15
CA ALA C 154 32.27 -52.69 -18.99
C ALA C 154 31.66 -51.64 -18.07
N LEU C 155 32.06 -50.38 -18.28
CA LEU C 155 31.59 -49.28 -17.43
C LEU C 155 30.34 -48.69 -18.06
N GLN C 156 29.17 -49.07 -17.55
CA GLN C 156 27.91 -48.51 -18.01
C GLN C 156 27.72 -47.10 -17.46
N SER C 157 26.75 -46.39 -18.03
CA SER C 157 26.41 -45.05 -17.60
C SER C 157 25.00 -44.73 -18.06
N GLY C 158 24.32 -43.88 -17.30
CA GLY C 158 23.00 -43.42 -17.69
C GLY C 158 21.89 -44.32 -17.19
N ASN C 159 22.25 -45.53 -16.76
CA ASN C 159 21.29 -46.48 -16.22
C ASN C 159 21.21 -46.43 -14.70
N SER C 160 22.00 -45.58 -14.04
CA SER C 160 22.01 -45.51 -12.59
C SER C 160 21.30 -44.26 -12.10
N GLN C 161 20.74 -44.36 -10.90
CA GLN C 161 20.04 -43.26 -10.26
C GLN C 161 20.17 -43.44 -8.75
N GLU C 162 20.73 -42.44 -8.09
CA GLU C 162 21.06 -42.57 -6.68
C GLU C 162 20.42 -41.46 -5.87
N SER C 163 20.08 -41.79 -4.62
CA SER C 163 19.47 -40.85 -3.71
C SER C 163 20.07 -41.03 -2.33
N VAL C 164 20.41 -39.92 -1.69
CA VAL C 164 21.07 -39.93 -0.39
C VAL C 164 20.07 -39.48 0.66
N THR C 165 20.18 -40.03 1.85
CA THR C 165 19.33 -39.63 2.96
C THR C 165 19.81 -38.29 3.50
N GLU C 166 19.30 -37.88 4.65
CA GLU C 166 19.71 -36.65 5.29
C GLU C 166 20.53 -36.98 6.53
N GLN C 167 21.20 -35.95 7.06
CA GLN C 167 22.07 -36.15 8.21
C GLN C 167 21.28 -36.70 9.39
N ASP C 168 21.76 -37.82 9.92
CA ASP C 168 21.08 -38.46 11.05
C ASP C 168 21.21 -37.59 12.29
N SER C 169 20.23 -37.69 13.18
CA SER C 169 20.22 -36.83 14.37
C SER C 169 21.08 -37.41 15.50
N LYS C 170 21.33 -38.72 15.50
CA LYS C 170 22.09 -39.32 16.59
C LYS C 170 23.59 -39.17 16.40
N ASP C 171 24.12 -39.74 15.31
CA ASP C 171 25.56 -39.67 15.06
C ASP C 171 25.93 -38.78 13.89
N SER C 172 24.95 -38.23 13.16
CA SER C 172 25.19 -37.27 12.09
C SER C 172 25.99 -37.89 10.93
N THR C 173 25.45 -38.94 10.36
CA THR C 173 26.07 -39.64 9.24
C THR C 173 25.03 -39.99 8.18
N TYR C 174 25.49 -40.17 6.95
CA TYR C 174 24.65 -40.28 5.78
C TYR C 174 24.40 -41.74 5.40
N SER C 175 23.73 -41.93 4.27
CA SER C 175 23.51 -43.26 3.71
C SER C 175 22.98 -43.09 2.29
N LEU C 176 23.60 -43.78 1.33
CA LEU C 176 23.32 -43.61 -0.08
C LEU C 176 23.00 -44.96 -0.70
N SER C 177 22.21 -44.93 -1.79
CA SER C 177 21.88 -46.15 -2.50
C SER C 177 21.66 -45.84 -3.97
N SER C 178 22.40 -46.53 -4.84
CA SER C 178 22.29 -46.36 -6.27
C SER C 178 21.75 -47.63 -6.90
N THR C 179 20.85 -47.47 -7.87
CA THR C 179 20.17 -48.61 -8.45
C THR C 179 20.34 -48.61 -9.96
N LEU C 180 20.42 -49.82 -10.52
CA LEU C 180 20.63 -50.02 -11.95
C LEU C 180 19.42 -50.70 -12.55
N THR C 181 18.86 -50.11 -13.59
CA THR C 181 17.66 -50.61 -14.25
C THR C 181 18.05 -51.28 -15.56
N LEU C 182 17.70 -52.55 -15.69
CA LEU C 182 17.98 -53.32 -16.90
C LEU C 182 16.75 -54.10 -17.31
N SER C 183 16.51 -54.17 -18.62
CA SER C 183 15.48 -55.06 -19.13
C SER C 183 15.90 -56.50 -18.93
N LYS C 184 14.91 -57.40 -18.88
CA LYS C 184 15.20 -58.80 -18.64
C LYS C 184 16.12 -59.37 -19.73
N ALA C 185 15.90 -58.96 -20.97
CA ALA C 185 16.73 -59.45 -22.08
C ALA C 185 18.19 -59.05 -21.89
N ASP C 186 18.44 -57.80 -21.54
CA ASP C 186 19.81 -57.35 -21.34
C ASP C 186 20.42 -57.94 -20.06
N TYR C 187 19.60 -58.13 -19.04
CA TYR C 187 20.10 -58.67 -17.78
C TYR C 187 20.61 -60.10 -17.96
N GLU C 188 19.88 -60.92 -18.71
CA GLU C 188 20.22 -62.33 -18.83
C GLU C 188 21.46 -62.56 -19.68
N LYS C 189 21.93 -61.53 -20.40
CA LYS C 189 23.06 -61.73 -21.30
C LYS C 189 24.38 -61.85 -20.54
N HIS C 190 24.59 -61.01 -19.52
CA HIS C 190 25.89 -60.90 -18.89
C HIS C 190 26.00 -61.83 -17.68
N LYS C 191 27.20 -61.90 -17.11
CA LYS C 191 27.54 -62.90 -16.10
C LYS C 191 27.77 -62.28 -14.73
N VAL C 192 28.64 -61.28 -14.62
CA VAL C 192 29.02 -60.72 -13.33
C VAL C 192 28.59 -59.26 -13.26
N TYR C 193 28.07 -58.85 -12.10
CA TYR C 193 27.65 -57.47 -11.85
C TYR C 193 28.43 -56.96 -10.65
N ALA C 194 29.03 -55.79 -10.77
CA ALA C 194 29.90 -55.24 -9.74
C ALA C 194 29.52 -53.80 -9.43
N CYS C 195 29.68 -53.41 -8.17
CA CYS C 195 29.46 -52.05 -7.70
C CYS C 195 30.76 -51.54 -7.09
N GLU C 196 31.31 -50.47 -7.66
CA GLU C 196 32.56 -49.91 -7.19
C GLU C 196 32.34 -48.53 -6.58
N VAL C 197 32.97 -48.31 -5.43
CA VAL C 197 32.74 -47.10 -4.65
C VAL C 197 34.07 -46.55 -4.18
N THR C 198 34.18 -45.22 -4.12
CA THR C 198 35.34 -44.54 -3.62
C THR C 198 34.91 -43.50 -2.59
N HIS C 199 35.79 -43.23 -1.62
CA HIS C 199 35.51 -42.27 -0.57
C HIS C 199 36.83 -41.85 0.03
N GLN C 200 36.87 -40.67 0.65
CA GLN C 200 38.12 -40.17 1.21
C GLN C 200 38.59 -41.02 2.38
N GLY C 201 37.70 -41.77 3.00
CA GLY C 201 38.09 -42.60 4.12
C GLY C 201 38.56 -43.97 3.71
N LEU C 202 38.68 -44.20 2.40
CA LEU C 202 39.09 -45.49 1.88
C LEU C 202 40.43 -45.33 1.16
N SER C 203 41.43 -46.10 1.60
CA SER C 203 42.74 -46.06 0.97
C SER C 203 42.68 -46.58 -0.46
N SER C 204 41.92 -47.65 -0.68
CA SER C 204 41.72 -48.21 -2.01
C SER C 204 40.23 -48.47 -2.21
N PRO C 205 39.72 -48.27 -3.43
CA PRO C 205 38.29 -48.51 -3.67
C PRO C 205 37.91 -49.95 -3.38
N VAL C 206 36.70 -50.13 -2.86
CA VAL C 206 36.18 -51.44 -2.51
C VAL C 206 35.05 -51.79 -3.48
N THR C 207 35.08 -53.02 -3.99
CA THR C 207 34.14 -53.49 -4.98
C THR C 207 33.43 -54.75 -4.48
N LYS C 208 32.11 -54.75 -4.58
CA LYS C 208 31.30 -55.90 -4.22
C LYS C 208 30.56 -56.40 -5.44
N SER C 209 30.61 -57.70 -5.70
CA SER C 209 30.05 -58.28 -6.90
C SER C 209 29.31 -59.57 -6.56
N PHE C 210 28.60 -60.10 -7.56
CA PHE C 210 27.86 -61.34 -7.41
C PHE C 210 27.66 -61.95 -8.79
N ASN C 211 27.40 -63.24 -8.82
CA ASN C 211 27.23 -63.99 -10.05
C ASN C 211 25.74 -64.16 -10.35
N ARG C 212 25.37 -64.04 -11.61
CA ARG C 212 23.97 -64.18 -12.01
C ARG C 212 23.61 -65.63 -12.25
N GLN D 1 3.91 11.71 -5.40
CA GLN D 1 4.48 11.16 -6.62
C GLN D 1 4.86 12.27 -7.58
N ARG D 2 3.86 13.05 -8.01
CA ARG D 2 4.09 14.22 -8.84
C ARG D 2 3.97 15.53 -8.07
N GLN D 3 3.04 15.60 -7.11
CA GLN D 3 2.92 16.80 -6.29
C GLN D 3 4.08 16.92 -5.31
N LEU D 4 4.45 15.83 -4.66
CA LEU D 4 5.43 15.85 -3.57
C LEU D 4 6.62 14.97 -3.94
N VAL D 5 7.83 15.48 -3.72
CA VAL D 5 9.05 14.73 -3.93
C VAL D 5 10.00 14.98 -2.77
N GLU D 6 10.67 13.93 -2.29
CA GLU D 6 11.61 14.03 -1.19
C GLU D 6 13.02 13.74 -1.70
N SER D 7 14.00 14.32 -1.02
CA SER D 7 15.39 14.11 -1.40
C SER D 7 16.29 14.48 -0.22
N GLY D 8 17.45 13.82 -0.16
CA GLY D 8 18.44 14.11 0.85
C GLY D 8 18.87 12.91 1.69
N GLY D 9 18.31 11.73 1.49
CA GLY D 9 18.61 10.59 2.34
C GLY D 9 19.78 9.77 1.82
N GLY D 10 20.61 9.31 2.75
CA GLY D 10 21.74 8.46 2.41
C GLY D 10 22.32 7.86 3.67
N LEU D 11 23.33 7.01 3.49
CA LEU D 11 23.96 6.36 4.61
C LEU D 11 24.68 7.35 5.49
N VAL D 12 24.66 7.13 6.80
CA VAL D 12 25.31 8.01 7.76
C VAL D 12 25.60 7.23 9.03
N GLN D 13 26.79 7.45 9.60
CA GLN D 13 27.23 6.72 10.76
C GLN D 13 26.41 7.11 11.98
N PRO D 14 26.32 6.26 12.99
CA PRO D 14 25.62 6.64 14.23
C PRO D 14 26.26 7.87 14.85
N GLY D 15 25.43 8.75 15.37
CA GLY D 15 25.88 10.03 15.88
C GLY D 15 26.07 11.09 14.83
N GLY D 16 25.48 10.92 13.64
CA GLY D 16 25.58 11.90 12.58
C GLY D 16 24.23 12.55 12.33
N SER D 17 24.25 13.53 11.40
CA SER D 17 23.11 14.37 11.15
C SER D 17 22.77 14.37 9.66
N LEU D 18 21.50 14.61 9.36
CA LEU D 18 21.03 14.69 7.98
C LEU D 18 20.17 15.94 7.82
N ARG D 19 19.59 16.08 6.64
CA ARG D 19 18.61 17.14 6.38
C ARG D 19 17.75 16.72 5.21
N LEU D 20 16.54 16.25 5.48
CA LEU D 20 15.60 15.89 4.42
C LEU D 20 14.82 17.13 4.00
N SER D 21 14.42 17.18 2.74
CA SER D 21 13.62 18.30 2.24
C SER D 21 12.58 17.80 1.25
N CYS D 22 11.35 18.27 1.42
CA CYS D 22 10.20 17.87 0.61
C CYS D 22 9.73 19.10 -0.14
N ALA D 23 9.66 19.01 -1.47
CA ALA D 23 9.27 20.14 -2.31
C ALA D 23 7.94 19.86 -2.98
N ALA D 24 6.98 20.76 -2.81
CA ALA D 24 5.61 20.54 -3.23
C ALA D 24 5.27 21.41 -4.43
N SER D 25 4.62 20.81 -5.43
CA SER D 25 4.14 21.52 -6.60
C SER D 25 2.71 21.11 -6.88
N GLY D 26 1.94 22.04 -7.47
CA GLY D 26 0.54 21.79 -7.69
C GLY D 26 -0.32 21.86 -6.44
N ILE D 27 0.18 22.51 -5.39
CA ILE D 27 -0.52 22.64 -4.12
C ILE D 27 -0.32 24.07 -3.62
N ILE D 28 -1.36 24.62 -2.98
CA ILE D 28 -1.33 26.03 -2.56
C ILE D 28 -0.20 26.27 -1.57
N PHE D 29 -0.06 25.39 -0.58
CA PHE D 29 1.04 25.38 0.39
C PHE D 29 0.96 26.53 1.39
N LYS D 30 0.08 27.49 1.14
CA LYS D 30 -0.13 28.55 2.13
C LYS D 30 -1.18 28.15 3.15
N ILE D 31 -2.03 27.19 2.81
CA ILE D 31 -3.15 26.78 3.64
C ILE D 31 -3.13 25.28 3.85
N ASN D 32 -1.93 24.68 3.83
CA ASN D 32 -1.75 23.25 3.95
C ASN D 32 -0.95 22.87 5.18
N ASP D 33 -1.38 21.79 5.83
CA ASP D 33 -0.61 21.12 6.85
C ASP D 33 0.50 20.29 6.19
N MET D 34 1.46 19.87 6.99
CA MET D 34 2.55 19.02 6.51
C MET D 34 2.87 17.97 7.55
N GLY D 35 3.84 17.13 7.23
CA GLY D 35 4.27 16.08 8.14
C GLY D 35 5.19 15.08 7.49
N TRP D 36 5.99 14.40 8.30
CA TRP D 36 6.89 13.36 7.83
C TRP D 36 6.49 12.04 8.47
N PHE D 37 6.61 10.95 7.73
CA PHE D 37 6.28 9.62 8.22
C PHE D 37 7.45 8.69 7.96
N ARG D 38 7.52 7.59 8.71
CA ARG D 38 8.55 6.58 8.49
C ARG D 38 7.90 5.22 8.44
N GLN D 39 8.61 4.26 7.83
CA GLN D 39 8.16 2.88 7.80
C GLN D 39 9.36 1.96 7.70
N ALA D 40 9.62 1.19 8.73
CA ALA D 40 10.72 0.25 8.73
C ALA D 40 10.20 -1.16 8.50
N PRO D 41 10.99 -2.04 7.89
CA PRO D 41 10.49 -3.39 7.59
C PRO D 41 10.08 -4.13 8.85
N GLY D 42 8.95 -4.85 8.77
CA GLY D 42 8.35 -5.47 9.91
C GLY D 42 7.44 -4.57 10.71
N LYS D 43 7.70 -3.27 10.75
CA LYS D 43 6.91 -2.29 11.47
C LYS D 43 5.82 -1.74 10.55
N GLU D 44 5.15 -0.68 11.00
CA GLU D 44 4.08 -0.05 10.24
C GLU D 44 4.30 1.45 10.23
N ARG D 45 3.69 2.12 9.26
CA ARG D 45 3.90 3.55 9.08
C ARG D 45 3.43 4.30 10.32
N GLU D 46 4.27 5.24 10.78
CA GLU D 46 3.97 5.97 11.99
C GLU D 46 4.49 7.39 11.86
N GLY D 47 3.79 8.33 12.47
CA GLY D 47 4.16 9.72 12.37
C GLY D 47 5.45 10.03 13.10
N VAL D 48 6.16 11.05 12.62
CA VAL D 48 7.41 11.45 13.25
C VAL D 48 7.53 12.96 13.46
N ALA D 49 6.73 13.79 12.82
CA ALA D 49 6.72 15.23 13.05
C ALA D 49 5.48 15.81 12.39
N GLY D 50 5.36 17.13 12.43
CA GLY D 50 4.24 17.80 11.80
C GLY D 50 4.11 19.27 12.13
N ILE D 51 3.85 20.09 11.10
CA ILE D 51 3.67 21.52 11.25
C ILE D 51 2.36 21.89 10.57
N THR D 52 1.65 22.89 11.12
CA THR D 52 0.30 23.22 10.65
C THR D 52 0.20 24.71 10.30
N SER D 53 0.66 25.07 9.11
CA SER D 53 0.26 26.27 8.38
C SER D 53 0.53 27.58 9.11
N GLY D 54 0.99 27.51 10.36
CA GLY D 54 1.44 28.71 11.05
C GLY D 54 2.51 28.42 12.08
N GLY D 55 2.97 27.17 12.13
CA GLY D 55 3.78 26.72 13.24
C GLY D 55 3.05 25.65 14.05
N ARG D 56 3.28 25.63 15.36
CA ARG D 56 2.73 24.59 16.24
C ARG D 56 3.20 23.20 15.80
N THR D 57 4.51 22.99 15.91
CA THR D 57 5.11 21.72 15.58
C THR D 57 4.63 20.62 16.53
N ASN D 58 4.63 19.38 16.04
CA ASN D 58 3.92 18.28 16.68
C ASN D 58 4.77 17.01 16.75
N TYR D 59 5.98 17.10 17.31
CA TYR D 59 6.90 15.98 17.32
C TYR D 59 6.28 14.74 17.97
N ALA D 60 6.90 13.59 17.73
CA ALA D 60 6.51 12.36 18.39
C ALA D 60 7.26 12.22 19.71
N ASP D 61 6.77 11.30 20.55
CA ASP D 61 7.30 11.19 21.91
C ASP D 61 8.75 10.69 21.90
N SER D 62 9.04 9.66 21.12
CA SER D 62 10.39 9.11 21.03
C SER D 62 11.29 9.89 20.08
N VAL D 63 10.93 11.13 19.78
CA VAL D 63 11.60 11.93 18.76
C VAL D 63 12.02 13.30 19.27
N LYS D 64 11.42 13.78 20.36
CA LYS D 64 11.66 15.14 20.83
C LYS D 64 13.12 15.34 21.18
N GLY D 65 13.63 16.55 20.91
CA GLY D 65 14.98 16.90 21.23
C GLY D 65 16.01 16.55 20.18
N ARG D 66 15.62 15.92 19.09
CA ARG D 66 16.56 15.54 18.04
C ARG D 66 16.13 15.93 16.64
N PHE D 67 14.83 16.04 16.38
CA PHE D 67 14.27 16.32 15.06
C PHE D 67 13.59 17.69 15.11
N ILE D 68 13.90 18.56 14.15
CA ILE D 68 13.42 19.93 14.17
C ILE D 68 12.80 20.25 12.82
N ILE D 69 11.48 20.21 12.75
CA ILE D 69 10.76 20.41 11.49
C ILE D 69 10.51 21.89 11.27
N SER D 70 10.70 22.33 10.03
CA SER D 70 10.57 23.72 9.66
C SER D 70 9.98 23.79 8.26
N ARG D 71 9.40 24.95 7.92
CA ARG D 71 8.82 25.13 6.60
C ARG D 71 9.24 26.49 6.06
N ASP D 72 9.27 26.59 4.74
CA ASP D 72 9.64 27.82 4.06
C ASP D 72 8.62 28.09 2.97
N ASN D 73 8.04 29.28 2.98
CA ASN D 73 6.88 29.56 2.15
C ASN D 73 7.21 30.27 0.83
N VAL D 74 8.31 31.02 0.77
CA VAL D 74 8.64 31.75 -0.45
C VAL D 74 8.89 30.78 -1.60
N LYS D 75 9.75 29.79 -1.36
CA LYS D 75 9.90 28.64 -2.25
C LYS D 75 9.37 27.45 -1.45
N ASN D 76 8.25 26.89 -1.91
CA ASN D 76 7.47 26.02 -1.04
C ASN D 76 8.12 24.67 -0.80
N THR D 77 8.75 24.52 0.38
CA THR D 77 9.43 23.29 0.77
C THR D 77 9.26 23.09 2.27
N VAL D 78 9.48 21.86 2.71
CA VAL D 78 9.46 21.50 4.12
C VAL D 78 10.77 20.78 4.44
N TYR D 79 11.42 21.16 5.53
CA TYR D 79 12.67 20.55 5.93
C TYR D 79 12.48 19.66 7.14
N LEU D 80 13.55 18.95 7.51
CA LEU D 80 13.58 18.14 8.73
C LEU D 80 15.04 17.90 9.05
N GLN D 81 15.51 18.41 10.18
CA GLN D 81 16.92 18.31 10.56
C GLN D 81 17.07 17.18 11.56
N MET D 82 17.86 16.18 11.22
CA MET D 82 18.05 15.00 12.04
C MET D 82 19.34 15.14 12.84
N ASN D 83 19.27 14.95 14.15
CA ASN D 83 20.44 15.09 14.99
C ASN D 83 20.58 13.89 15.90
N SER D 84 21.83 13.52 16.16
CA SER D 84 22.16 12.40 17.04
C SER D 84 21.40 11.14 16.66
N LEU D 85 21.63 10.68 15.43
CA LEU D 85 20.94 9.51 14.91
C LEU D 85 21.42 8.23 15.60
N GLU D 86 20.54 7.24 15.67
CA GLU D 86 20.83 5.96 16.29
C GLU D 86 20.36 4.82 15.39
N PRO D 87 20.97 3.64 15.53
CA PRO D 87 20.59 2.50 14.68
C PRO D 87 19.10 2.20 14.54
N GLU D 88 18.26 2.78 15.39
CA GLU D 88 16.82 2.53 15.33
C GLU D 88 16.09 3.57 14.49
N ASP D 89 16.81 4.47 13.83
CA ASP D 89 16.22 5.49 12.97
C ASP D 89 16.32 5.12 11.50
N THR D 90 16.62 3.86 11.20
CA THR D 90 16.74 3.39 9.83
C THR D 90 15.37 2.97 9.31
N ALA D 91 14.92 3.64 8.26
CA ALA D 91 13.63 3.38 7.63
C ALA D 91 13.54 4.29 6.41
N VAL D 92 12.43 4.20 5.69
CA VAL D 92 12.19 5.04 4.53
C VAL D 92 11.17 6.11 4.89
N TYR D 93 11.54 7.37 4.67
CA TYR D 93 10.79 8.52 5.17
C TYR D 93 9.89 9.10 4.09
N TYR D 94 8.64 9.37 4.45
CA TYR D 94 7.62 9.85 3.52
C TYR D 94 7.19 11.26 3.90
N CYS D 95 6.62 11.96 2.93
CA CYS D 95 6.08 13.30 3.09
C CYS D 95 4.58 13.24 2.85
N LYS D 96 3.83 14.07 3.56
CA LYS D 96 2.38 14.07 3.43
C LYS D 96 1.84 15.48 3.58
N SER D 97 0.82 15.80 2.80
CA SER D 97 0.24 17.14 2.80
C SER D 97 -1.26 17.06 2.62
N ASP D 98 -2.01 17.76 3.48
CA ASP D 98 -3.44 17.83 3.32
C ASP D 98 -3.95 19.26 3.47
N GLY D 99 -4.99 19.60 2.71
CA GLY D 99 -5.57 20.92 2.71
C GLY D 99 -6.59 21.04 1.60
N LEU D 100 -7.23 22.21 1.53
CA LEU D 100 -8.24 22.45 0.52
C LEU D 100 -7.62 22.47 -0.87
N ILE D 101 -8.30 21.83 -1.82
CA ILE D 101 -7.80 21.79 -3.20
C ILE D 101 -7.93 23.15 -3.86
N SER D 102 -9.04 23.85 -3.63
CA SER D 102 -9.27 25.17 -4.18
C SER D 102 -9.95 26.02 -3.12
N TYR D 103 -10.12 27.30 -3.42
CA TYR D 103 -10.76 28.22 -2.49
C TYR D 103 -12.28 28.10 -2.50
N ALA D 104 -12.83 27.13 -3.22
CA ALA D 104 -14.28 26.97 -3.33
C ALA D 104 -14.79 25.66 -2.76
N ALA D 105 -13.91 24.83 -2.18
CA ALA D 105 -14.28 23.52 -1.67
C ALA D 105 -14.37 23.54 -0.15
N SER D 106 -14.91 22.45 0.41
CA SER D 106 -15.11 22.33 1.84
C SER D 106 -14.44 21.13 2.48
N GLN D 107 -14.03 20.12 1.70
CA GLN D 107 -13.38 18.94 2.23
C GLN D 107 -11.89 18.93 1.90
N LEU D 108 -11.12 18.22 2.71
CA LEU D 108 -9.67 18.17 2.61
C LEU D 108 -9.22 17.13 1.60
N SER D 109 -8.08 17.39 0.98
CA SER D 109 -7.48 16.47 0.01
C SER D 109 -6.08 16.10 0.49
N THR D 110 -5.75 14.81 0.45
CA THR D 110 -4.51 14.28 1.00
C THR D 110 -3.63 13.72 -0.10
N TYR D 111 -2.35 14.08 -0.09
CA TYR D 111 -1.37 13.60 -1.05
C TYR D 111 -0.17 13.02 -0.33
N TRP D 112 0.41 11.97 -0.91
CA TRP D 112 1.51 11.24 -0.31
C TRP D 112 2.78 11.49 -1.11
N GLY D 113 3.85 10.80 -0.71
CA GLY D 113 5.10 10.83 -1.43
C GLY D 113 5.58 9.41 -1.70
N LYS D 114 6.69 9.32 -2.42
CA LYS D 114 7.28 8.02 -2.73
C LYS D 114 8.33 7.60 -1.71
N GLY D 115 8.91 8.53 -0.98
CA GLY D 115 9.78 8.15 0.11
C GLY D 115 11.24 8.19 -0.27
N THR D 116 12.09 8.50 0.72
CA THR D 116 13.53 8.47 0.57
C THR D 116 14.12 7.61 1.68
N PRO D 117 14.94 6.60 1.34
CA PRO D 117 15.50 5.73 2.37
C PRO D 117 16.61 6.41 3.15
N VAL D 118 16.71 6.04 4.43
CA VAL D 118 17.80 6.45 5.30
C VAL D 118 18.31 5.23 6.04
N THR D 119 19.61 4.98 5.95
CA THR D 119 20.21 3.82 6.60
C THR D 119 21.37 4.28 7.47
N VAL D 120 21.31 3.97 8.77
CA VAL D 120 22.33 4.36 9.72
C VAL D 120 23.03 3.10 10.22
N SER D 121 24.34 3.03 9.99
CA SER D 121 25.14 1.88 10.41
C SER D 121 26.60 2.24 10.26
N SER D 122 27.44 1.49 10.97
CA SER D 122 28.88 1.73 10.95
C SER D 122 29.48 1.36 9.60
N VAL E 4 55.34 -35.24 -11.11
CA VAL E 4 54.50 -35.65 -9.99
C VAL E 4 55.30 -36.55 -9.06
N GLN E 5 55.85 -35.97 -8.00
CA GLN E 5 56.71 -36.70 -7.09
C GLN E 5 56.41 -36.26 -5.67
N LEU E 6 56.16 -37.22 -4.78
CA LEU E 6 55.91 -36.96 -3.38
C LEU E 6 57.05 -37.52 -2.54
N GLN E 7 57.34 -36.84 -1.43
CA GLN E 7 58.47 -37.21 -0.58
C GLN E 7 58.16 -36.82 0.84
N GLU E 8 58.02 -37.81 1.72
CA GLU E 8 57.84 -37.55 3.14
C GLU E 8 59.20 -37.34 3.81
N SER E 9 59.17 -36.71 4.98
CA SER E 9 60.38 -36.41 5.73
C SER E 9 59.98 -36.06 7.16
N GLY E 10 60.97 -35.81 8.01
CA GLY E 10 60.71 -35.42 9.37
C GLY E 10 60.23 -36.52 10.29
N GLY E 11 60.52 -37.77 9.97
CA GLY E 11 60.07 -38.89 10.78
C GLY E 11 61.18 -39.60 11.53
N GLY E 12 60.93 -39.93 12.79
CA GLY E 12 61.91 -40.62 13.60
C GLY E 12 61.30 -41.03 14.93
N LEU E 13 62.09 -41.77 15.70
CA LEU E 13 61.64 -42.25 17.00
C LEU E 13 61.39 -41.09 17.95
N VAL E 14 60.33 -41.21 18.74
CA VAL E 14 59.94 -40.21 19.72
C VAL E 14 59.33 -40.93 20.93
N GLN E 15 59.46 -40.31 22.11
CA GLN E 15 58.89 -40.85 23.34
C GLN E 15 57.39 -40.57 23.40
N PRO E 16 56.64 -41.39 24.14
CA PRO E 16 55.21 -41.09 24.34
C PRO E 16 55.03 -39.71 24.95
N GLY E 17 54.05 -38.97 24.43
CA GLY E 17 53.83 -37.61 24.87
C GLY E 17 54.75 -36.57 24.25
N GLY E 18 55.63 -36.98 23.34
CA GLY E 18 56.52 -36.05 22.67
C GLY E 18 55.83 -35.26 21.59
N SER E 19 56.65 -34.58 20.78
CA SER E 19 56.15 -33.76 19.69
C SER E 19 57.03 -33.94 18.47
N LEU E 20 56.40 -34.25 17.34
CA LEU E 20 57.09 -34.39 16.06
C LEU E 20 56.31 -33.64 14.99
N ARG E 21 57.00 -33.29 13.90
CA ARG E 21 56.44 -32.40 12.90
C ARG E 21 57.00 -32.82 11.53
N LEU E 22 56.20 -33.57 10.78
CA LEU E 22 56.62 -34.02 9.47
C LEU E 22 56.39 -32.93 8.42
N SER E 23 56.64 -33.31 7.16
CA SER E 23 56.66 -32.39 6.04
C SER E 23 56.73 -33.22 4.77
N CYS E 24 55.99 -32.81 3.73
CA CYS E 24 55.98 -33.54 2.46
C CYS E 24 56.30 -32.58 1.32
N ALA E 25 57.44 -32.83 0.69
CA ALA E 25 57.91 -32.01 -0.43
C ALA E 25 57.17 -32.38 -1.71
N ALA E 26 56.15 -31.61 -2.08
CA ALA E 26 55.41 -31.86 -3.30
C ALA E 26 56.09 -31.20 -4.50
N SER E 27 56.02 -31.86 -5.64
CA SER E 27 56.62 -31.36 -6.86
C SER E 27 55.81 -31.81 -8.07
N GLY E 28 55.98 -31.10 -9.18
CA GLY E 28 55.33 -31.46 -10.42
C GLY E 28 53.83 -31.18 -10.44
N ARG E 29 53.28 -30.62 -9.36
CA ARG E 29 51.86 -30.35 -9.28
C ARG E 29 51.64 -29.08 -8.46
N THR E 30 50.52 -28.42 -8.69
CA THR E 30 50.10 -27.31 -7.84
C THR E 30 49.09 -27.79 -6.81
N ILE E 31 49.52 -28.00 -5.56
CA ILE E 31 48.64 -28.62 -4.58
C ILE E 31 47.56 -27.66 -4.10
N SER E 32 47.71 -26.36 -4.40
CA SER E 32 46.74 -25.38 -3.92
C SER E 32 45.37 -25.60 -4.53
N ARG E 33 45.29 -26.36 -5.62
CA ARG E 33 44.04 -26.66 -6.29
C ARG E 33 43.42 -27.98 -5.81
N TYR E 34 44.11 -28.73 -4.97
CA TYR E 34 43.68 -30.07 -4.60
C TYR E 34 43.67 -30.17 -3.07
N ALA E 35 43.34 -31.36 -2.58
CA ALA E 35 43.43 -31.71 -1.18
C ALA E 35 44.42 -32.85 -1.01
N MET E 36 45.16 -32.83 0.08
CA MET E 36 46.27 -33.76 0.29
C MET E 36 46.03 -34.50 1.60
N SER E 37 45.86 -35.81 1.51
CA SER E 37 45.41 -36.64 2.63
C SER E 37 46.60 -37.38 3.24
N TRP E 38 46.50 -37.65 4.54
CA TRP E 38 47.51 -38.42 5.25
C TRP E 38 47.01 -39.82 5.57
N PHE E 39 47.88 -40.81 5.35
CA PHE E 39 47.59 -42.19 5.65
C PHE E 39 48.74 -42.78 6.43
N ARG E 40 48.52 -43.94 7.04
CA ARG E 40 49.57 -44.62 7.76
C ARG E 40 49.33 -46.12 7.73
N GLN E 41 50.41 -46.88 7.67
CA GLN E 41 50.37 -48.33 7.71
C GLN E 41 51.37 -48.83 8.73
N ALA E 42 50.88 -49.49 9.76
CA ALA E 42 51.72 -50.19 10.71
C ALA E 42 52.16 -51.51 10.12
N PRO E 43 53.30 -52.06 10.55
CA PRO E 43 53.79 -53.31 9.96
C PRO E 43 52.77 -54.44 10.05
N GLY E 44 52.55 -55.12 8.94
CA GLY E 44 51.58 -56.20 8.90
C GLY E 44 50.14 -55.77 9.05
N LYS E 45 49.85 -54.50 8.75
CA LYS E 45 48.51 -53.95 8.90
C LYS E 45 48.06 -53.30 7.60
N GLU E 46 46.80 -52.86 7.60
CA GLU E 46 46.23 -52.14 6.48
C GLU E 46 46.62 -50.67 6.54
N ARG E 47 46.24 -49.94 5.49
CA ARG E 47 46.52 -48.51 5.45
C ARG E 47 45.28 -47.73 5.86
N GLU E 48 45.18 -47.39 7.14
CA GLU E 48 44.00 -46.70 7.64
C GLU E 48 44.17 -45.18 7.56
N PHE E 49 43.05 -44.47 7.65
CA PHE E 49 43.03 -43.03 7.48
C PHE E 49 43.70 -42.33 8.66
N VAL E 50 44.26 -41.15 8.40
CA VAL E 50 44.88 -40.36 9.46
C VAL E 50 44.24 -38.97 9.51
N ALA E 51 44.36 -38.21 8.42
CA ALA E 51 43.82 -36.85 8.37
C ALA E 51 43.73 -36.40 6.93
N VAL E 52 42.93 -35.36 6.69
CA VAL E 52 42.80 -34.76 5.38
C VAL E 52 42.80 -33.24 5.51
N ALA E 53 43.56 -32.56 4.65
CA ALA E 53 43.54 -31.10 4.62
C ALA E 53 43.01 -30.63 3.29
N ARG E 54 41.77 -30.13 3.28
CA ARG E 54 41.15 -29.66 2.05
C ARG E 54 41.68 -28.28 1.68
N ARG E 55 41.08 -27.65 0.67
CA ARG E 55 41.56 -26.34 0.26
C ARG E 55 41.35 -25.32 1.39
N SER E 56 41.90 -24.12 1.18
CA SER E 56 41.76 -23.06 2.17
C SER E 56 40.29 -22.67 2.32
N GLY E 57 39.84 -22.56 3.57
CA GLY E 57 38.45 -22.23 3.81
C GLY E 57 37.49 -23.39 3.76
N ASP E 58 38.01 -24.63 3.69
CA ASP E 58 37.17 -25.82 3.72
C ASP E 58 37.41 -26.67 4.96
N GLY E 59 38.48 -26.42 5.70
CA GLY E 59 38.72 -27.14 6.93
C GLY E 59 39.49 -28.42 6.78
N ALA E 60 39.79 -29.08 7.89
CA ALA E 60 40.53 -30.33 7.91
C ALA E 60 39.80 -31.32 8.79
N PHE E 61 39.74 -32.58 8.35
CA PHE E 61 39.04 -33.62 9.08
C PHE E 61 40.02 -34.68 9.59
N TYR E 62 39.70 -35.24 10.75
CA TYR E 62 40.60 -36.17 11.42
C TYR E 62 39.86 -37.46 11.71
N ALA E 63 40.63 -38.55 11.78
CA ALA E 63 40.05 -39.83 12.16
C ALA E 63 39.74 -39.84 13.65
N ASP E 64 39.01 -40.88 14.08
CA ASP E 64 38.52 -40.93 15.45
C ASP E 64 39.66 -41.09 16.44
N SER E 65 40.60 -42.00 16.16
CA SER E 65 41.67 -42.29 17.12
C SER E 65 42.60 -41.09 17.29
N VAL E 66 43.02 -40.48 16.18
CA VAL E 66 43.99 -39.39 16.26
C VAL E 66 43.36 -38.05 16.54
N GLN E 67 42.06 -37.99 16.80
CA GLN E 67 41.40 -36.74 17.08
C GLN E 67 41.91 -36.13 18.38
N GLY E 68 42.14 -34.83 18.37
CA GLY E 68 42.59 -34.12 19.56
C GLY E 68 44.09 -34.02 19.69
N ARG E 69 44.81 -35.08 19.32
CA ARG E 69 46.26 -35.09 19.49
C ARG E 69 46.97 -34.49 18.27
N PHE E 70 46.57 -34.92 17.07
CA PHE E 70 47.28 -34.52 15.87
C PHE E 70 46.72 -33.23 15.30
N THR E 71 47.42 -32.68 14.31
CA THR E 71 47.05 -31.44 13.67
C THR E 71 47.70 -31.35 12.30
N VAL E 72 46.93 -30.93 11.29
CA VAL E 72 47.43 -30.83 9.92
C VAL E 72 47.27 -29.40 9.45
N SER E 73 48.16 -28.98 8.55
CA SER E 73 48.10 -27.64 7.99
C SER E 73 48.82 -27.64 6.64
N ARG E 74 48.31 -26.86 5.70
CA ARG E 74 48.94 -26.75 4.39
C ARG E 74 49.82 -25.50 4.31
N ASP E 75 50.70 -25.52 3.30
CA ASP E 75 51.49 -24.35 2.91
C ASP E 75 51.53 -24.33 1.38
N ASP E 76 50.58 -23.62 0.78
CA ASP E 76 50.47 -23.61 -0.68
C ASP E 76 51.68 -22.97 -1.34
N ALA E 77 52.24 -21.93 -0.71
CA ALA E 77 53.37 -21.22 -1.29
C ALA E 77 54.57 -22.15 -1.47
N LYS E 78 54.95 -22.86 -0.42
CA LYS E 78 56.05 -23.83 -0.50
C LYS E 78 55.59 -25.18 -1.02
N ASN E 79 54.29 -25.36 -1.24
CA ASN E 79 53.70 -26.63 -1.68
C ASN E 79 54.12 -27.76 -0.75
N THR E 80 53.70 -27.64 0.51
CA THR E 80 54.15 -28.56 1.55
C THR E 80 53.08 -28.64 2.64
N VAL E 81 52.71 -29.86 3.02
CA VAL E 81 51.81 -30.07 4.15
C VAL E 81 52.65 -30.40 5.38
N TYR E 82 52.13 -30.08 6.57
CA TYR E 82 52.85 -30.35 7.81
C TYR E 82 51.88 -30.98 8.80
N LEU E 83 52.31 -32.03 9.47
CA LEU E 83 51.47 -32.72 10.46
C LEU E 83 52.12 -32.55 11.84
N GLN E 84 51.54 -31.67 12.65
CA GLN E 84 52.06 -31.41 13.98
C GLN E 84 51.49 -32.41 14.98
N MET E 85 52.32 -33.34 15.45
CA MET E 85 51.87 -34.43 16.32
CA MET E 85 51.88 -34.42 16.33
C MET E 85 52.10 -34.06 17.80
N ASN E 86 51.01 -34.06 18.55
CA ASN E 86 51.09 -33.85 19.99
C ASN E 86 50.78 -35.14 20.73
N SER E 87 51.47 -35.37 21.84
CA SER E 87 51.15 -36.44 22.79
C SER E 87 51.15 -37.81 22.09
N LEU E 88 52.32 -38.18 21.58
CA LEU E 88 52.49 -39.41 20.82
C LEU E 88 52.25 -40.62 21.73
N LYS E 89 51.93 -41.75 21.12
CA LYS E 89 51.73 -43.00 21.84
C LYS E 89 52.42 -44.11 21.06
N PRO E 90 52.90 -45.15 21.76
CA PRO E 90 53.55 -46.26 21.04
C PRO E 90 52.66 -46.98 20.06
N GLU E 91 51.34 -46.85 20.19
CA GLU E 91 50.44 -47.40 19.18
C GLU E 91 50.56 -46.63 17.87
N ASP E 92 51.02 -45.39 17.93
CA ASP E 92 51.14 -44.58 16.72
C ASP E 92 52.27 -45.06 15.84
N THR E 93 53.09 -45.99 16.32
CA THR E 93 54.18 -46.55 15.53
C THR E 93 53.67 -47.12 14.21
N ALA E 94 54.07 -46.49 13.10
CA ALA E 94 53.64 -46.88 11.77
C ALA E 94 54.43 -46.08 10.76
N VAL E 95 54.34 -46.50 9.50
CA VAL E 95 54.93 -45.78 8.39
C VAL E 95 53.85 -44.92 7.76
N TYR E 96 54.03 -43.60 7.79
CA TYR E 96 53.00 -42.66 7.37
C TYR E 96 53.11 -42.40 5.88
N TYR E 97 52.21 -43.02 5.11
CA TYR E 97 52.17 -42.89 3.66
C TYR E 97 51.31 -41.68 3.31
N CYS E 98 51.90 -40.69 2.66
CA CYS E 98 51.13 -39.53 2.22
CA CYS E 98 51.17 -39.53 2.19
C CYS E 98 50.43 -39.85 0.91
N ALA E 99 49.44 -39.02 0.58
CA ALA E 99 48.66 -39.21 -0.65
C ALA E 99 48.16 -37.85 -1.11
N ILE E 100 47.75 -37.80 -2.38
CA ILE E 100 47.19 -36.58 -2.98
C ILE E 100 45.90 -36.98 -3.69
N ASP E 101 44.85 -36.20 -3.50
CA ASP E 101 43.56 -36.46 -4.12
C ASP E 101 43.47 -35.81 -5.49
N SER E 102 43.13 -36.59 -6.52
CA SER E 102 43.07 -36.05 -7.88
C SER E 102 41.82 -35.23 -8.10
N ASP E 103 40.69 -35.68 -7.57
CA ASP E 103 39.40 -35.09 -7.91
C ASP E 103 39.23 -33.74 -7.22
N THR E 104 38.59 -32.80 -7.91
CA THR E 104 38.35 -31.49 -7.34
C THR E 104 37.17 -31.48 -6.38
N PHE E 105 36.17 -32.33 -6.62
CA PHE E 105 34.98 -32.39 -5.79
C PHE E 105 35.18 -33.17 -4.50
N TYR E 106 36.43 -33.48 -4.14
CA TYR E 106 36.73 -34.24 -2.93
C TYR E 106 36.00 -35.58 -2.91
N SER E 107 36.04 -36.30 -4.03
CA SER E 107 35.38 -37.59 -4.14
C SER E 107 36.27 -38.74 -3.72
N GLY E 108 37.51 -38.46 -3.34
CA GLY E 108 38.38 -39.52 -2.85
C GLY E 108 39.07 -40.35 -3.89
N SER E 109 39.42 -39.77 -5.04
CA SER E 109 40.11 -40.50 -6.10
C SER E 109 41.62 -40.25 -5.97
N TYR E 110 42.27 -41.08 -5.16
CA TYR E 110 43.70 -40.97 -4.91
C TYR E 110 44.45 -41.63 -6.06
N ASP E 111 45.49 -40.97 -6.56
CA ASP E 111 46.28 -41.52 -7.66
C ASP E 111 47.77 -41.63 -7.34
N TYR E 112 48.27 -40.87 -6.38
CA TYR E 112 49.71 -40.80 -6.14
C TYR E 112 49.99 -40.95 -4.65
N TRP E 113 51.14 -41.56 -4.34
CA TRP E 113 51.54 -41.76 -2.95
C TRP E 113 53.03 -41.49 -2.82
N GLY E 114 53.46 -41.22 -1.59
CA GLY E 114 54.86 -41.02 -1.28
C GLY E 114 55.55 -42.32 -0.94
N GLN E 115 56.85 -42.22 -0.67
CA GLN E 115 57.65 -43.39 -0.34
C GLN E 115 57.54 -43.78 1.13
N GLY E 116 56.96 -42.93 1.96
CA GLY E 116 56.74 -43.26 3.35
C GLY E 116 57.93 -42.92 4.23
N THR E 117 57.66 -42.81 5.53
CA THR E 117 58.70 -42.54 6.52
C THR E 117 58.34 -43.33 7.79
N GLN E 118 59.32 -44.07 8.30
CA GLN E 118 59.12 -44.86 9.51
C GLN E 118 59.02 -43.97 10.73
N VAL E 119 57.96 -44.17 11.51
CA VAL E 119 57.78 -43.48 12.79
C VAL E 119 57.46 -44.53 13.84
N THR E 120 58.22 -44.50 14.94
CA THR E 120 58.03 -45.42 16.04
C THR E 120 58.04 -44.64 17.33
N VAL E 121 57.17 -45.02 18.27
CA VAL E 121 57.11 -44.38 19.57
C VAL E 121 57.42 -45.43 20.63
N SER E 122 58.43 -45.17 21.46
CA SER E 122 58.80 -46.06 22.55
C SER E 122 59.69 -45.35 23.55
N SER E 123 59.31 -45.36 24.82
CA SER E 123 60.08 -44.69 25.86
C SER E 123 61.36 -45.44 26.17
#